data_7YB2
#
_entry.id   7YB2
#
_cell.length_a   66.797
_cell.length_b   123.362
_cell.length_c   126.111
_cell.angle_alpha   90.00
_cell.angle_beta   90.00
_cell.angle_gamma   90.00
#
_symmetry.space_group_name_H-M   'P 2 21 21'
#
loop_
_entity.id
_entity.type
_entity.pdbx_description
1 polymer 'Versicolorin reductase'
2 non-polymer 3-METHYL-1,6,8-TRIHYDROXYANTHRAQUINONE
3 non-polymer 'NADP NICOTINAMIDE-ADENINE-DINUCLEOTIDE PHOSPHATE'
4 non-polymer GLYCEROL
5 water water
#
_entity_poly.entity_id   1
_entity_poly.type   'polypeptide(L)'
_entity_poly.pdbx_seq_one_letter_code
;MAMSPPTQDLHIPGRLDGKVALVTGSGRGIGAAVAVHLGLLGAKVVVNYANSPTHAQKVVDEIKQLGSDAIAIKADVRQV
PEIVRLFDEAVAHFGQLDIAVSNSGVVSFGHLKDVTEEEFDRVFSLNTRGQFFVAREAYKHLNNGGRIIMTSSNTSRDFS
VPKHSLYSGSKGAIDSFVRIFSKDCGDKKITVNAVAPGGTVTDMFHDVSQHYIPNGETYTPEERQKMAAHASPLHRNGFP
EDIARVVGFLVSAEGEWINGKVLTVDGGAAALEHHHHHH
;
_entity_poly.pdbx_strand_id   A,B,C,D
#
loop_
_chem_comp.id
_chem_comp.type
_chem_comp.name
_chem_comp.formula
EMO non-polymer 3-METHYL-1,6,8-TRIHYDROXYANTHRAQUINONE 'C15 H10 O5'
GOL non-polymer GLYCEROL 'C3 H8 O3'
NAP non-polymer 'NADP NICOTINAMIDE-ADENINE-DINUCLEOTIDE PHOSPHATE' 'C21 H28 N7 O17 P3'
#
# COMPACT_ATOMS: atom_id res chain seq x y z
N HIS A 11 -10.27 -50.09 15.48
CA HIS A 11 -11.26 -49.00 15.22
C HIS A 11 -11.58 -48.29 16.54
N ILE A 12 -11.31 -46.99 16.63
CA ILE A 12 -11.70 -46.13 17.78
C ILE A 12 -13.06 -45.55 17.47
N PRO A 13 -14.08 -45.80 18.32
CA PRO A 13 -15.40 -45.22 18.13
C PRO A 13 -15.32 -43.72 17.74
N GLY A 14 -15.91 -43.44 16.58
CA GLY A 14 -16.18 -42.08 16.12
C GLY A 14 -15.06 -41.54 15.29
N ARG A 15 -13.97 -42.29 15.08
CA ARG A 15 -12.82 -41.76 14.32
C ARG A 15 -12.96 -42.13 12.84
N LEU A 16 -12.17 -41.47 12.00
CA LEU A 16 -12.25 -41.57 10.52
C LEU A 16 -10.89 -41.91 9.94
N ASP A 17 -10.05 -42.58 10.71
CA ASP A 17 -8.70 -42.99 10.26
C ASP A 17 -8.81 -43.72 8.91
N GLY A 18 -8.00 -43.30 7.95
CA GLY A 18 -7.91 -43.97 6.64
C GLY A 18 -8.93 -43.47 5.66
N LYS A 19 -9.82 -42.55 6.05
CA LYS A 19 -10.87 -42.00 5.16
C LYS A 19 -10.38 -40.68 4.56
N VAL A 20 -10.98 -40.32 3.44
CA VAL A 20 -10.72 -39.03 2.78
C VAL A 20 -12.05 -38.27 2.71
N ALA A 21 -12.03 -37.01 3.14
CA ALA A 21 -13.20 -36.11 3.15
C ALA A 21 -12.96 -34.90 2.27
N LEU A 22 -14.05 -34.31 1.76
CA LEU A 22 -14.06 -33.07 0.97
C LEU A 22 -15.19 -32.23 1.54
N VAL A 23 -14.91 -30.96 1.81
CA VAL A 23 -15.89 -29.99 2.35
C VAL A 23 -15.90 -28.79 1.42
N THR A 24 -17.05 -28.48 0.84
CA THR A 24 -17.16 -27.27 0.00
C THR A 24 -17.14 -26.04 0.92
N GLY A 25 -16.51 -24.94 0.50
CA GLY A 25 -16.56 -23.68 1.27
C GLY A 25 -15.92 -23.86 2.64
N SER A 26 -14.77 -24.51 2.73
CA SER A 26 -14.14 -24.87 4.03
C SER A 26 -12.94 -23.95 4.34
N GLY A 27 -12.78 -22.84 3.62
CA GLY A 27 -11.81 -21.81 4.02
C GLY A 27 -12.22 -21.09 5.30
N ARG A 28 -13.52 -20.97 5.56
CA ARG A 28 -14.02 -20.12 6.66
C ARG A 28 -15.38 -20.62 7.13
N GLY A 29 -15.83 -20.05 8.24
CA GLY A 29 -17.15 -20.33 8.81
C GLY A 29 -17.33 -21.79 9.17
N ILE A 30 -18.56 -22.27 9.03
CA ILE A 30 -18.92 -23.65 9.43
C ILE A 30 -18.05 -24.65 8.67
N GLY A 31 -17.84 -24.45 7.38
CA GLY A 31 -17.06 -25.39 6.54
C GLY A 31 -15.67 -25.61 7.12
N ALA A 32 -15.00 -24.54 7.54
CA ALA A 32 -13.65 -24.58 8.13
C ALA A 32 -13.67 -25.43 9.40
N ALA A 33 -14.65 -25.24 10.28
CA ALA A 33 -14.75 -26.03 11.53
C ALA A 33 -15.00 -27.49 11.19
N VAL A 34 -15.83 -27.78 10.18
CA VAL A 34 -16.10 -29.17 9.72
C VAL A 34 -14.78 -29.75 9.26
N ALA A 35 -14.07 -29.05 8.38
CA ALA A 35 -12.80 -29.57 7.81
C ALA A 35 -11.82 -29.89 8.93
N VAL A 36 -11.61 -28.95 9.88
CA VAL A 36 -10.63 -29.21 10.95
C VAL A 36 -11.12 -30.38 11.81
N HIS A 37 -12.40 -30.42 12.15
CA HIS A 37 -12.97 -31.55 12.96
C HIS A 37 -12.74 -32.90 12.26
N LEU A 38 -13.02 -33.02 10.96
CA LEU A 38 -12.82 -34.32 10.25
C LEU A 38 -11.34 -34.72 10.28
N GLY A 39 -10.44 -33.76 10.10
CA GLY A 39 -8.99 -34.00 10.26
C GLY A 39 -8.60 -34.44 11.66
N LEU A 40 -9.10 -33.76 12.68
CA LEU A 40 -8.90 -34.14 14.11
C LEU A 40 -9.34 -35.59 14.35
N LEU A 41 -10.38 -36.03 13.65
CA LEU A 41 -10.90 -37.41 13.77
C LEU A 41 -10.08 -38.41 12.94
N GLY A 42 -9.16 -37.95 12.09
CA GLY A 42 -8.24 -38.83 11.34
C GLY A 42 -8.45 -38.82 9.86
N ALA A 43 -9.42 -38.08 9.33
CA ALA A 43 -9.61 -37.97 7.86
C ALA A 43 -8.52 -37.12 7.21
N LYS A 44 -8.18 -37.46 5.98
CA LYS A 44 -7.46 -36.53 5.08
C LYS A 44 -8.54 -35.63 4.49
N VAL A 45 -8.24 -34.36 4.25
CA VAL A 45 -9.31 -33.38 3.93
C VAL A 45 -8.96 -32.56 2.70
N VAL A 46 -9.92 -32.46 1.79
CA VAL A 46 -9.88 -31.54 0.67
C VAL A 46 -10.68 -30.31 1.11
N VAL A 47 -9.98 -29.20 1.17
CA VAL A 47 -10.49 -27.87 1.59
C VAL A 47 -10.80 -27.07 0.32
N ASN A 48 -12.07 -26.96 -0.03
CA ASN A 48 -12.52 -26.15 -1.18
C ASN A 48 -12.76 -24.71 -0.75
N TYR A 49 -12.45 -23.78 -1.65
CA TYR A 49 -12.76 -22.35 -1.55
C TYR A 49 -13.04 -21.82 -2.95
N ALA A 50 -13.63 -20.66 -3.02
CA ALA A 50 -13.91 -19.99 -4.32
C ALA A 50 -13.24 -18.62 -4.28
N ASN A 51 -13.16 -17.99 -3.12
CA ASN A 51 -12.76 -16.58 -2.97
C ASN A 51 -11.71 -16.42 -1.87
N SER A 52 -11.46 -17.44 -1.05
CA SER A 52 -10.68 -17.25 0.21
C SER A 52 -9.45 -18.14 0.24
N PRO A 53 -8.52 -18.02 -0.73
CA PRO A 53 -7.37 -18.93 -0.78
C PRO A 53 -6.50 -18.90 0.48
N THR A 54 -6.29 -17.69 1.05
CA THR A 54 -5.36 -17.55 2.19
C THR A 54 -5.98 -18.19 3.42
N HIS A 55 -7.27 -18.04 3.62
CA HIS A 55 -7.99 -18.75 4.73
C HIS A 55 -7.95 -20.27 4.50
N ALA A 56 -8.24 -20.74 3.29
CA ALA A 56 -8.17 -22.18 2.96
C ALA A 56 -6.77 -22.74 3.32
N GLN A 57 -5.71 -21.99 3.00
CA GLN A 57 -4.35 -22.49 3.32
C GLN A 57 -4.18 -22.57 4.86
N LYS A 58 -4.71 -21.61 5.60
CA LYS A 58 -4.62 -21.66 7.09
C LYS A 58 -5.33 -22.91 7.61
N VAL A 59 -6.49 -23.21 7.05
CA VAL A 59 -7.23 -24.47 7.44
C VAL A 59 -6.36 -25.69 7.14
N VAL A 60 -5.83 -25.78 5.93
CA VAL A 60 -4.92 -26.89 5.52
C VAL A 60 -3.80 -27.01 6.56
N ASP A 61 -3.17 -25.88 6.92
CA ASP A 61 -2.00 -25.90 7.87
C ASP A 61 -2.46 -26.33 9.26
N GLU A 62 -3.65 -25.91 9.68
CA GLU A 62 -4.25 -26.40 10.95
C GLU A 62 -4.35 -27.93 10.92
N ILE A 63 -4.89 -28.51 9.84
CA ILE A 63 -5.16 -29.98 9.75
C ILE A 63 -3.81 -30.73 9.75
N LYS A 64 -2.82 -30.21 9.02
CA LYS A 64 -1.44 -30.80 9.00
C LYS A 64 -0.84 -30.72 10.41
N GLN A 65 -1.00 -29.57 11.10
CA GLN A 65 -0.46 -29.35 12.47
C GLN A 65 -1.06 -30.37 13.44
N LEU A 66 -2.32 -30.77 13.29
CA LEU A 66 -2.89 -31.73 14.28
C LEU A 66 -2.60 -33.16 13.84
N GLY A 67 -1.91 -33.38 12.71
CA GLY A 67 -1.30 -34.67 12.35
C GLY A 67 -2.03 -35.38 11.22
N SER A 68 -2.89 -34.71 10.47
CA SER A 68 -3.55 -35.36 9.32
C SER A 68 -2.94 -34.72 8.08
N ASP A 69 -3.54 -34.90 6.91
CA ASP A 69 -3.09 -34.28 5.65
C ASP A 69 -4.30 -33.59 5.01
N ALA A 70 -4.04 -32.58 4.20
CA ALA A 70 -5.07 -31.74 3.56
C ALA A 70 -4.48 -31.03 2.34
N ILE A 71 -5.35 -30.63 1.42
CA ILE A 71 -4.98 -29.79 0.27
C ILE A 71 -6.13 -28.80 0.05
N ALA A 72 -5.84 -27.60 -0.41
CA ALA A 72 -6.89 -26.61 -0.72
C ALA A 72 -7.09 -26.66 -2.25
N ILE A 73 -8.32 -26.74 -2.75
CA ILE A 73 -8.65 -26.72 -4.19
C ILE A 73 -9.69 -25.64 -4.46
N LYS A 74 -9.37 -24.72 -5.37
CA LYS A 74 -10.26 -23.65 -5.80
C LYS A 74 -11.29 -24.25 -6.74
N ALA A 75 -12.57 -23.96 -6.49
CA ALA A 75 -13.68 -24.35 -7.37
C ALA A 75 -14.90 -23.54 -6.96
N ASP A 76 -15.48 -22.86 -7.92
CA ASP A 76 -16.75 -22.13 -7.78
C ASP A 76 -17.88 -23.14 -7.94
N VAL A 77 -18.56 -23.50 -6.85
CA VAL A 77 -19.56 -24.60 -6.95
C VAL A 77 -20.88 -24.09 -7.54
N ARG A 78 -20.98 -22.85 -8.02
CA ARG A 78 -22.06 -22.49 -8.95
C ARG A 78 -21.86 -23.13 -10.35
N GLN A 79 -20.63 -23.50 -10.71
CA GLN A 79 -20.24 -23.99 -12.06
C GLN A 79 -20.06 -25.51 -12.01
N VAL A 80 -20.97 -26.24 -12.65
CA VAL A 80 -20.95 -27.72 -12.54
C VAL A 80 -19.63 -28.27 -13.09
N PRO A 81 -19.06 -27.73 -14.19
CA PRO A 81 -17.77 -28.22 -14.68
C PRO A 81 -16.67 -28.02 -13.61
N GLU A 82 -16.76 -27.01 -12.74
CA GLU A 82 -15.73 -26.79 -11.68
C GLU A 82 -15.96 -27.78 -10.53
N ILE A 83 -17.21 -28.18 -10.28
CA ILE A 83 -17.54 -29.26 -9.29
C ILE A 83 -16.91 -30.56 -9.80
N VAL A 84 -17.08 -30.84 -11.09
CA VAL A 84 -16.53 -32.10 -11.65
C VAL A 84 -15.02 -32.10 -11.42
N ARG A 85 -14.33 -31.02 -11.75
CA ARG A 85 -12.87 -30.88 -11.65
C ARG A 85 -12.43 -30.98 -10.18
N LEU A 86 -13.17 -30.34 -9.25
CA LEU A 86 -12.89 -30.43 -7.80
C LEU A 86 -12.85 -31.91 -7.38
N PHE A 87 -13.88 -32.69 -7.71
CA PHE A 87 -13.94 -34.13 -7.32
C PHE A 87 -12.84 -34.97 -8.04
N ASP A 88 -12.59 -34.69 -9.32
CA ASP A 88 -11.52 -35.35 -10.13
C ASP A 88 -10.18 -35.09 -9.44
N GLU A 89 -9.88 -33.82 -9.12
CA GLU A 89 -8.59 -33.45 -8.49
C GLU A 89 -8.48 -34.03 -7.07
N ALA A 90 -9.59 -34.09 -6.32
CA ALA A 90 -9.62 -34.73 -4.98
C ALA A 90 -9.17 -36.20 -5.07
N VAL A 91 -9.80 -36.96 -5.96
CA VAL A 91 -9.50 -38.40 -6.13
C VAL A 91 -8.06 -38.57 -6.65
N ALA A 92 -7.64 -37.75 -7.62
CA ALA A 92 -6.28 -37.78 -8.23
C ALA A 92 -5.27 -37.53 -7.11
N HIS A 93 -5.57 -36.67 -6.13
CA HIS A 93 -4.59 -36.33 -5.07
C HIS A 93 -4.51 -37.41 -4.00
N PHE A 94 -5.63 -37.82 -3.40
CA PHE A 94 -5.64 -38.76 -2.27
C PHE A 94 -5.98 -40.17 -2.71
N GLY A 95 -6.34 -40.40 -3.97
CA GLY A 95 -6.55 -41.76 -4.51
C GLY A 95 -7.99 -42.25 -4.35
N GLN A 96 -8.83 -41.61 -3.51
CA GLN A 96 -10.20 -42.09 -3.19
C GLN A 96 -10.92 -40.94 -2.47
N LEU A 97 -12.23 -41.04 -2.38
CA LEU A 97 -13.03 -40.12 -1.53
C LEU A 97 -14.09 -40.98 -0.82
N ASP A 98 -14.25 -40.79 0.49
CA ASP A 98 -15.24 -41.51 1.31
C ASP A 98 -16.38 -40.59 1.79
N ILE A 99 -16.09 -39.31 2.05
CA ILE A 99 -17.00 -38.36 2.72
C ILE A 99 -17.04 -37.07 1.90
N ALA A 100 -18.24 -36.60 1.56
CA ALA A 100 -18.43 -35.32 0.87
C ALA A 100 -19.40 -34.50 1.70
N VAL A 101 -18.96 -33.31 2.09
CA VAL A 101 -19.81 -32.34 2.85
C VAL A 101 -20.03 -31.14 1.95
N SER A 102 -21.27 -30.99 1.47
CA SER A 102 -21.78 -29.81 0.76
C SER A 102 -22.19 -28.74 1.78
N ASN A 103 -21.38 -27.69 1.94
CA ASN A 103 -21.51 -26.63 2.97
C ASN A 103 -21.67 -25.23 2.36
N SER A 104 -21.08 -24.92 1.20
CA SER A 104 -21.11 -23.54 0.62
C SER A 104 -22.53 -23.01 0.54
N GLY A 105 -22.71 -21.76 0.90
CA GLY A 105 -24.02 -21.08 0.83
C GLY A 105 -23.88 -19.61 0.99
N VAL A 106 -24.90 -18.90 0.55
CA VAL A 106 -25.09 -17.45 0.78
C VAL A 106 -26.48 -17.22 1.35
N VAL A 107 -26.60 -16.14 2.12
CA VAL A 107 -27.87 -15.73 2.70
C VAL A 107 -28.41 -14.59 1.84
N SER A 108 -29.69 -14.31 2.01
CA SER A 108 -30.43 -13.24 1.33
C SER A 108 -31.60 -12.82 2.21
N PHE A 109 -31.91 -11.53 2.25
CA PHE A 109 -33.12 -10.98 2.91
C PHE A 109 -33.78 -10.02 1.92
N GLY A 110 -35.10 -10.03 1.92
CA GLY A 110 -35.89 -9.10 1.08
C GLY A 110 -37.31 -9.57 1.04
N HIS A 111 -38.24 -8.64 1.17
CA HIS A 111 -39.68 -8.93 0.98
C HIS A 111 -39.86 -9.52 -0.41
N LEU A 112 -40.78 -10.48 -0.53
CA LEU A 112 -41.13 -11.10 -1.78
C LEU A 112 -41.26 -10.02 -2.86
N LYS A 113 -41.96 -8.91 -2.60
CA LYS A 113 -42.22 -7.90 -3.67
C LYS A 113 -40.91 -7.35 -4.26
N ASP A 114 -39.77 -7.45 -3.56
CA ASP A 114 -38.51 -6.75 -3.91
C ASP A 114 -37.51 -7.74 -4.54
N VAL A 115 -37.80 -9.03 -4.57
CA VAL A 115 -36.83 -10.05 -5.02
C VAL A 115 -36.74 -9.99 -6.54
N THR A 116 -35.53 -9.84 -7.05
CA THR A 116 -35.24 -9.79 -8.51
C THR A 116 -34.96 -11.19 -9.05
N GLU A 117 -35.00 -11.31 -10.36
CA GLU A 117 -34.45 -12.50 -11.05
C GLU A 117 -32.99 -12.71 -10.67
N GLU A 118 -32.20 -11.63 -10.69
CA GLU A 118 -30.73 -11.70 -10.41
C GLU A 118 -30.47 -12.23 -8.99
N GLU A 119 -31.31 -11.84 -8.04
CA GLU A 119 -31.14 -12.25 -6.60
C GLU A 119 -31.61 -13.70 -6.43
N PHE A 120 -32.72 -14.10 -7.07
CA PHE A 120 -33.19 -15.50 -7.01
C PHE A 120 -32.08 -16.40 -7.51
N ASP A 121 -31.50 -16.04 -8.66
CA ASP A 121 -30.48 -16.90 -9.32
C ASP A 121 -29.20 -16.95 -8.49
N ARG A 122 -28.80 -15.83 -7.91
CA ARG A 122 -27.58 -15.74 -7.08
C ARG A 122 -27.70 -16.77 -5.96
N VAL A 123 -28.87 -16.85 -5.33
CA VAL A 123 -29.08 -17.71 -4.13
C VAL A 123 -29.24 -19.19 -4.56
N PHE A 124 -30.15 -19.46 -5.49
CA PHE A 124 -30.45 -20.86 -5.91
C PHE A 124 -29.28 -21.48 -6.64
N SER A 125 -28.53 -20.69 -7.43
CA SER A 125 -27.38 -21.26 -8.19
C SER A 125 -26.36 -21.92 -7.24
N LEU A 126 -26.10 -21.36 -6.05
CA LEU A 126 -25.14 -21.91 -5.09
C LEU A 126 -25.85 -22.85 -4.09
N ASN A 127 -26.90 -22.38 -3.42
CA ASN A 127 -27.47 -23.09 -2.24
C ASN A 127 -28.23 -24.35 -2.64
N THR A 128 -28.79 -24.40 -3.84
CA THR A 128 -29.74 -25.46 -4.25
C THR A 128 -29.13 -26.23 -5.44
N ARG A 129 -28.92 -25.56 -6.55
CA ARG A 129 -28.34 -26.19 -7.77
C ARG A 129 -26.92 -26.66 -7.50
N GLY A 130 -26.05 -25.80 -6.96
CA GLY A 130 -24.68 -26.18 -6.62
C GLY A 130 -24.65 -27.35 -5.67
N GLN A 131 -25.44 -27.30 -4.60
CA GLN A 131 -25.43 -28.43 -3.65
C GLN A 131 -25.86 -29.71 -4.38
N PHE A 132 -26.87 -29.60 -5.24
CA PHE A 132 -27.42 -30.80 -5.93
C PHE A 132 -26.29 -31.43 -6.74
N PHE A 133 -25.57 -30.63 -7.50
CA PHE A 133 -24.47 -31.15 -8.36
C PHE A 133 -23.25 -31.59 -7.56
N VAL A 134 -22.96 -30.96 -6.39
CA VAL A 134 -21.94 -31.52 -5.47
C VAL A 134 -22.35 -32.92 -5.03
N ALA A 135 -23.61 -33.16 -4.69
CA ALA A 135 -24.12 -34.51 -4.31
C ALA A 135 -23.96 -35.46 -5.51
N ARG A 136 -24.29 -35.00 -6.71
CA ARG A 136 -24.18 -35.83 -7.93
C ARG A 136 -22.73 -36.31 -8.10
N GLU A 137 -21.78 -35.37 -8.08
CA GLU A 137 -20.35 -35.67 -8.27
C GLU A 137 -19.83 -36.46 -7.08
N ALA A 138 -20.32 -36.23 -5.85
CA ALA A 138 -19.93 -37.07 -4.69
C ALA A 138 -20.34 -38.52 -4.95
N TYR A 139 -21.60 -38.74 -5.35
CA TYR A 139 -22.12 -40.11 -5.58
C TYR A 139 -21.20 -40.78 -6.62
N LYS A 140 -20.84 -40.08 -7.71
CA LYS A 140 -20.05 -40.65 -8.83
C LYS A 140 -18.59 -40.96 -8.40
N HIS A 141 -18.04 -40.24 -7.43
CA HIS A 141 -16.60 -40.39 -7.02
C HIS A 141 -16.43 -41.21 -5.75
N LEU A 142 -17.46 -41.37 -4.90
CA LEU A 142 -17.30 -41.91 -3.55
C LEU A 142 -17.07 -43.43 -3.58
N ASN A 143 -16.28 -43.90 -2.63
CA ASN A 143 -16.22 -45.35 -2.33
C ASN A 143 -17.58 -45.81 -1.80
N ASN A 144 -17.88 -47.09 -1.99
CA ASN A 144 -19.04 -47.75 -1.35
C ASN A 144 -18.92 -47.50 0.15
N GLY A 145 -20.06 -47.33 0.82
CA GLY A 145 -20.07 -47.22 2.30
C GLY A 145 -19.71 -45.81 2.71
N GLY A 146 -19.67 -44.87 1.76
CA GLY A 146 -19.34 -43.45 1.97
C GLY A 146 -20.48 -42.66 2.63
N ARG A 147 -20.31 -41.34 2.59
CA ARG A 147 -21.14 -40.34 3.33
C ARG A 147 -21.29 -39.08 2.48
N ILE A 148 -22.52 -38.64 2.28
CA ILE A 148 -22.81 -37.29 1.74
C ILE A 148 -23.55 -36.53 2.85
N ILE A 149 -23.14 -35.29 3.09
CA ILE A 149 -23.82 -34.34 4.00
C ILE A 149 -24.12 -33.10 3.18
N MET A 150 -25.36 -32.62 3.27
CA MET A 150 -25.78 -31.36 2.64
C MET A 150 -26.17 -30.40 3.76
N THR A 151 -26.29 -29.11 3.45
CA THR A 151 -26.46 -28.10 4.51
C THR A 151 -27.78 -27.37 4.23
N SER A 152 -28.68 -27.49 5.18
CA SER A 152 -29.98 -26.83 5.16
C SER A 152 -29.93 -25.67 6.15
N SER A 153 -31.05 -25.44 6.81
CA SER A 153 -31.18 -24.37 7.82
C SER A 153 -32.45 -24.63 8.63
N ASN A 154 -32.46 -24.17 9.88
CA ASN A 154 -33.71 -24.23 10.69
C ASN A 154 -34.82 -23.32 10.12
N THR A 155 -34.50 -22.42 9.21
CA THR A 155 -35.45 -21.53 8.49
C THR A 155 -36.20 -22.31 7.39
N SER A 156 -35.74 -23.48 6.98
CA SER A 156 -36.44 -24.21 5.88
C SER A 156 -37.81 -24.66 6.38
N ARG A 157 -37.94 -25.01 7.68
CA ARG A 157 -39.19 -25.62 8.23
C ARG A 157 -39.55 -25.09 9.65
N ASP A 158 -38.57 -24.93 10.54
CA ASP A 158 -38.85 -24.82 12.01
C ASP A 158 -39.16 -23.36 12.37
N PHE A 159 -38.60 -22.39 11.65
CA PHE A 159 -38.63 -20.94 12.00
C PHE A 159 -38.89 -20.12 10.72
N SER A 160 -39.95 -19.33 10.76
CA SER A 160 -40.49 -18.58 9.61
C SER A 160 -40.22 -17.10 9.86
N VAL A 161 -39.13 -16.61 9.32
CA VAL A 161 -38.63 -15.22 9.53
C VAL A 161 -39.19 -14.36 8.40
N PRO A 162 -39.80 -13.19 8.65
CA PRO A 162 -40.22 -12.31 7.56
C PRO A 162 -39.07 -11.93 6.63
N LYS A 163 -39.35 -11.82 5.32
CA LYS A 163 -38.39 -11.33 4.30
C LYS A 163 -37.28 -12.35 4.06
N HIS A 164 -37.52 -13.62 4.41
CA HIS A 164 -36.48 -14.68 4.31
C HIS A 164 -36.94 -15.75 3.32
N SER A 165 -37.85 -15.46 2.38
CA SER A 165 -38.51 -16.50 1.56
C SER A 165 -37.51 -17.16 0.62
N LEU A 166 -36.67 -16.39 -0.04
CA LEU A 166 -35.76 -16.90 -1.10
C LEU A 166 -34.76 -17.88 -0.47
N TYR A 167 -34.16 -17.49 0.64
CA TYR A 167 -33.16 -18.35 1.31
C TYR A 167 -33.86 -19.59 1.87
N SER A 168 -34.99 -19.38 2.56
CA SER A 168 -35.70 -20.50 3.23
C SER A 168 -36.04 -21.55 2.18
N GLY A 169 -36.49 -21.10 1.00
CA GLY A 169 -36.87 -22.05 -0.07
C GLY A 169 -35.67 -22.76 -0.64
N SER A 170 -34.55 -22.05 -0.74
CA SER A 170 -33.28 -22.62 -1.26
C SER A 170 -32.92 -23.84 -0.42
N LYS A 171 -33.17 -23.75 0.91
CA LYS A 171 -32.83 -24.83 1.87
C LYS A 171 -33.95 -25.84 1.97
N GLY A 172 -35.22 -25.45 1.81
CA GLY A 172 -36.33 -26.42 1.78
C GLY A 172 -36.13 -27.46 0.69
N ALA A 173 -35.59 -27.09 -0.47
CA ALA A 173 -35.27 -28.03 -1.56
C ALA A 173 -34.27 -29.06 -1.07
N ILE A 174 -33.27 -28.64 -0.26
CA ILE A 174 -32.20 -29.53 0.28
C ILE A 174 -32.84 -30.65 1.12
N ASP A 175 -33.77 -30.30 2.01
CA ASP A 175 -34.42 -31.26 2.92
C ASP A 175 -35.07 -32.36 2.07
N SER A 176 -35.71 -32.01 0.94
CA SER A 176 -36.35 -33.02 0.05
C SER A 176 -35.27 -33.82 -0.69
N PHE A 177 -34.23 -33.14 -1.19
CA PHE A 177 -33.15 -33.86 -1.90
C PHE A 177 -32.61 -34.98 -1.00
N VAL A 178 -32.26 -34.70 0.26
CA VAL A 178 -31.53 -35.73 1.05
C VAL A 178 -32.39 -36.98 1.20
N ARG A 179 -33.68 -36.82 1.37
CA ARG A 179 -34.57 -37.98 1.64
C ARG A 179 -34.55 -38.92 0.42
N ILE A 180 -34.65 -38.38 -0.80
CA ILE A 180 -34.67 -39.20 -2.03
C ILE A 180 -33.24 -39.64 -2.39
N PHE A 181 -32.25 -38.78 -2.15
CA PHE A 181 -30.82 -39.14 -2.41
C PHE A 181 -30.48 -40.40 -1.60
N SER A 182 -31.01 -40.50 -0.38
CA SER A 182 -30.73 -41.67 0.47
C SER A 182 -31.18 -42.95 -0.25
N LYS A 183 -32.28 -42.91 -0.98
CA LYS A 183 -32.75 -44.09 -1.75
C LYS A 183 -31.81 -44.38 -2.91
N ASP A 184 -31.51 -43.39 -3.74
CA ASP A 184 -30.63 -43.57 -4.93
C ASP A 184 -29.24 -44.03 -4.47
N CYS A 185 -28.69 -43.43 -3.39
CA CYS A 185 -27.27 -43.64 -3.02
C CYS A 185 -27.11 -44.98 -2.27
N GLY A 186 -28.20 -45.59 -1.85
CA GLY A 186 -28.20 -46.93 -1.22
C GLY A 186 -27.59 -47.98 -2.16
N ASP A 187 -27.60 -47.75 -3.45
CA ASP A 187 -27.02 -48.78 -4.35
C ASP A 187 -25.49 -48.77 -4.22
N LYS A 188 -24.85 -47.77 -3.59
CA LYS A 188 -23.42 -47.84 -3.18
C LYS A 188 -23.29 -47.86 -1.66
N LYS A 189 -24.39 -48.06 -0.91
CA LYS A 189 -24.37 -48.10 0.59
C LYS A 189 -23.82 -46.78 1.11
N ILE A 190 -24.12 -45.69 0.41
CA ILE A 190 -23.76 -44.30 0.84
C ILE A 190 -24.94 -43.74 1.61
N THR A 191 -24.74 -43.25 2.83
CA THR A 191 -25.83 -42.56 3.55
C THR A 191 -25.80 -41.08 3.13
N VAL A 192 -26.96 -40.43 3.14
CA VAL A 192 -27.12 -39.02 2.76
C VAL A 192 -27.97 -38.34 3.84
N ASN A 193 -27.45 -37.28 4.45
CA ASN A 193 -28.19 -36.54 5.50
C ASN A 193 -27.93 -35.05 5.29
N ALA A 194 -28.76 -34.21 5.87
CA ALA A 194 -28.50 -32.77 5.97
C ALA A 194 -28.38 -32.39 7.44
N VAL A 195 -27.57 -31.38 7.69
CA VAL A 195 -27.57 -30.63 8.96
C VAL A 195 -28.23 -29.29 8.68
N ALA A 196 -29.12 -28.90 9.58
CA ALA A 196 -29.86 -27.62 9.53
C ALA A 196 -29.46 -26.83 10.77
N PRO A 197 -28.37 -26.04 10.66
CA PRO A 197 -27.98 -25.20 11.78
C PRO A 197 -29.01 -24.14 12.10
N GLY A 198 -29.05 -23.74 13.37
CA GLY A 198 -29.66 -22.46 13.73
C GLY A 198 -28.61 -21.40 13.62
N GLY A 199 -28.88 -20.27 14.26
CA GLY A 199 -27.97 -19.13 14.23
C GLY A 199 -26.62 -19.55 14.79
N THR A 200 -25.60 -19.57 13.94
CA THR A 200 -24.24 -20.08 14.24
C THR A 200 -23.21 -18.99 13.98
N VAL A 201 -22.35 -18.70 14.95
CA VAL A 201 -21.53 -17.44 14.89
C VAL A 201 -20.47 -17.54 13.79
N THR A 202 -20.75 -16.85 12.70
CA THR A 202 -19.94 -16.76 11.48
C THR A 202 -20.21 -15.39 10.85
N ASP A 203 -19.54 -15.09 9.76
CA ASP A 203 -19.83 -13.81 9.06
C ASP A 203 -21.26 -13.79 8.51
N MET A 204 -21.83 -14.95 8.16
CA MET A 204 -23.22 -14.98 7.68
C MET A 204 -24.16 -14.52 8.82
N PHE A 205 -23.99 -15.11 10.00
CA PHE A 205 -24.74 -14.77 11.22
C PHE A 205 -24.71 -13.24 11.40
N HIS A 206 -23.51 -12.68 11.41
CA HIS A 206 -23.30 -11.25 11.72
C HIS A 206 -23.87 -10.37 10.62
N ASP A 207 -23.84 -10.83 9.37
CA ASP A 207 -24.33 -10.10 8.18
C ASP A 207 -25.83 -9.87 8.32
N VAL A 208 -26.59 -10.77 8.96
CA VAL A 208 -28.07 -10.67 8.97
C VAL A 208 -28.70 -10.80 10.36
N SER A 209 -27.88 -10.77 11.43
CA SER A 209 -28.46 -10.88 12.78
C SER A 209 -29.47 -9.75 13.01
N GLN A 210 -29.35 -8.64 12.28
CA GLN A 210 -30.29 -7.49 12.45
C GLN A 210 -31.68 -7.87 11.91
N HIS A 211 -31.74 -8.78 10.94
CA HIS A 211 -33.01 -9.24 10.31
C HIS A 211 -33.73 -10.28 11.15
N TYR A 212 -33.11 -10.78 12.22
CA TYR A 212 -33.67 -11.81 13.12
C TYR A 212 -33.98 -11.21 14.50
N ILE A 213 -34.05 -9.88 14.59
CA ILE A 213 -34.29 -9.11 15.86
C ILE A 213 -35.16 -7.90 15.54
N PRO A 214 -36.24 -7.63 16.30
CA PRO A 214 -37.03 -6.41 16.08
C PRO A 214 -36.19 -5.16 16.38
N ASN A 215 -36.24 -4.18 15.47
CA ASN A 215 -35.38 -2.97 15.48
C ASN A 215 -33.90 -3.36 15.46
N GLY A 216 -33.56 -4.62 15.10
CA GLY A 216 -32.19 -5.16 15.14
C GLY A 216 -31.12 -4.16 14.71
N GLU A 217 -31.43 -3.23 13.80
CA GLU A 217 -30.45 -2.32 13.14
C GLU A 217 -29.90 -1.31 14.17
N THR A 218 -30.66 -1.06 15.25
CA THR A 218 -30.22 -0.24 16.41
C THR A 218 -28.91 -0.76 17.00
N TYR A 219 -28.90 -2.04 17.41
CA TYR A 219 -27.93 -2.66 18.34
C TYR A 219 -26.58 -2.81 17.64
N THR A 220 -25.52 -3.03 18.43
CA THR A 220 -24.15 -3.37 17.95
C THR A 220 -24.16 -4.83 17.48
N PRO A 221 -23.18 -5.27 16.65
CA PRO A 221 -23.02 -6.69 16.35
C PRO A 221 -22.82 -7.58 17.59
N GLU A 222 -21.95 -7.21 18.52
CA GLU A 222 -21.75 -8.01 19.76
C GLU A 222 -23.07 -8.07 20.55
N GLU A 223 -23.81 -6.96 20.61
CA GLU A 223 -25.10 -6.89 21.34
C GLU A 223 -26.09 -7.85 20.68
N ARG A 224 -26.14 -7.86 19.35
CA ARG A 224 -27.06 -8.78 18.61
C ARG A 224 -26.67 -10.22 18.92
N GLN A 225 -25.37 -10.52 18.99
CA GLN A 225 -24.91 -11.90 19.30
C GLN A 225 -25.37 -12.24 20.72
N LYS A 226 -25.27 -11.31 21.68
CA LYS A 226 -25.70 -11.59 23.09
C LYS A 226 -27.20 -11.90 23.11
N MET A 227 -28.01 -11.19 22.34
CA MET A 227 -29.47 -11.41 22.31
C MET A 227 -29.79 -12.77 21.69
N ALA A 228 -29.08 -13.15 20.62
CA ALA A 228 -29.26 -14.45 19.94
C ALA A 228 -28.95 -15.59 20.92
N ALA A 229 -28.04 -15.39 21.87
CA ALA A 229 -27.61 -16.45 22.81
C ALA A 229 -28.82 -16.87 23.65
N HIS A 230 -29.84 -16.04 23.76
CA HIS A 230 -31.03 -16.37 24.59
C HIS A 230 -32.09 -17.10 23.77
N ALA A 231 -31.92 -17.28 22.46
CA ALA A 231 -32.82 -18.13 21.65
C ALA A 231 -32.81 -19.55 22.26
N SER A 232 -31.63 -20.06 22.60
CA SER A 232 -31.44 -21.42 23.18
C SER A 232 -31.82 -21.41 24.65
N PRO A 233 -32.53 -22.45 25.15
CA PRO A 233 -32.72 -22.65 26.57
C PRO A 233 -31.38 -22.85 27.29
N LEU A 234 -30.30 -23.13 26.55
CA LEU A 234 -28.95 -23.32 27.16
C LEU A 234 -28.23 -21.97 27.34
N HIS A 235 -28.85 -20.87 26.86
CA HIS A 235 -28.34 -19.48 27.00
C HIS A 235 -26.88 -19.39 26.53
N ARG A 236 -26.57 -19.92 25.33
CA ARG A 236 -25.34 -19.56 24.60
C ARG A 236 -25.66 -19.52 23.10
N ASN A 237 -24.73 -18.97 22.33
CA ASN A 237 -24.79 -19.04 20.86
C ASN A 237 -24.39 -20.45 20.40
N GLY A 238 -24.84 -20.81 19.20
CA GLY A 238 -24.24 -21.91 18.46
C GLY A 238 -22.96 -21.42 17.83
N PHE A 239 -21.96 -22.29 17.77
CA PHE A 239 -20.65 -22.03 17.13
C PHE A 239 -20.40 -23.07 16.04
N PRO A 240 -19.51 -22.77 15.07
CA PRO A 240 -19.18 -23.73 14.01
C PRO A 240 -18.83 -25.13 14.55
N GLU A 241 -18.12 -25.20 15.69
CA GLU A 241 -17.73 -26.51 16.30
C GLU A 241 -18.97 -27.36 16.65
N ASP A 242 -20.05 -26.71 17.05
CA ASP A 242 -21.31 -27.39 17.46
C ASP A 242 -21.84 -28.16 16.25
N ILE A 243 -21.78 -27.53 15.09
CA ILE A 243 -22.26 -28.16 13.82
C ILE A 243 -21.25 -29.23 13.37
N ALA A 244 -19.96 -28.94 13.45
CA ALA A 244 -18.87 -29.86 13.01
C ALA A 244 -18.93 -31.18 13.77
N ARG A 245 -19.21 -31.15 15.07
CA ARG A 245 -19.33 -32.38 15.89
C ARG A 245 -20.50 -33.26 15.41
N VAL A 246 -21.61 -32.67 14.97
CA VAL A 246 -22.75 -33.46 14.47
C VAL A 246 -22.35 -34.08 13.13
N VAL A 247 -21.77 -33.29 12.23
CA VAL A 247 -21.28 -33.80 10.92
C VAL A 247 -20.33 -34.98 11.21
N GLY A 248 -19.38 -34.82 12.13
CA GLY A 248 -18.42 -35.90 12.47
C GLY A 248 -19.08 -37.20 12.86
N PHE A 249 -20.10 -37.15 13.71
CA PHE A 249 -20.91 -38.33 14.07
C PHE A 249 -21.57 -38.94 12.83
N LEU A 250 -22.28 -38.13 12.01
CA LEU A 250 -23.04 -38.67 10.85
C LEU A 250 -22.08 -39.37 9.85
N VAL A 251 -20.86 -38.84 9.68
CA VAL A 251 -19.93 -39.35 8.64
C VAL A 251 -19.08 -40.51 9.21
N SER A 252 -19.16 -40.79 10.51
CA SER A 252 -18.48 -41.93 11.18
C SER A 252 -19.22 -43.24 10.85
N ALA A 253 -18.57 -44.37 11.13
CA ALA A 253 -19.22 -45.69 11.03
C ALA A 253 -20.46 -45.72 11.94
N GLU A 254 -20.40 -45.06 13.09
CA GLU A 254 -21.43 -45.16 14.15
C GLU A 254 -22.70 -44.36 13.76
N GLY A 255 -22.58 -43.42 12.82
CA GLY A 255 -23.73 -42.61 12.34
C GLY A 255 -24.57 -43.30 11.28
N GLU A 256 -24.26 -44.55 10.88
CA GLU A 256 -24.77 -45.16 9.62
C GLU A 256 -26.30 -45.22 9.64
N TRP A 257 -26.92 -45.47 10.80
CA TRP A 257 -28.36 -45.77 10.85
C TRP A 257 -29.17 -44.47 10.84
N ILE A 258 -28.50 -43.31 10.90
CA ILE A 258 -29.13 -42.03 10.50
C ILE A 258 -28.88 -41.87 8.98
N ASN A 259 -29.96 -41.93 8.21
CA ASN A 259 -29.89 -41.92 6.74
C ASN A 259 -31.16 -41.27 6.22
N GLY A 260 -31.02 -40.32 5.28
CA GLY A 260 -32.16 -39.65 4.66
C GLY A 260 -32.81 -38.63 5.58
N LYS A 261 -32.08 -38.17 6.59
CA LYS A 261 -32.64 -37.28 7.63
C LYS A 261 -32.04 -35.88 7.57
N VAL A 262 -32.80 -34.90 8.11
CA VAL A 262 -32.32 -33.53 8.33
C VAL A 262 -32.20 -33.35 9.85
N LEU A 263 -31.00 -33.16 10.38
CA LEU A 263 -30.76 -32.95 11.83
C LEU A 263 -30.75 -31.45 12.08
N THR A 264 -31.73 -30.91 12.79
CA THR A 264 -31.67 -29.49 13.16
C THR A 264 -30.72 -29.32 14.36
N VAL A 265 -29.74 -28.46 14.20
CA VAL A 265 -28.69 -28.29 15.23
C VAL A 265 -28.68 -26.82 15.68
N ASP A 266 -29.53 -26.49 16.66
CA ASP A 266 -29.83 -25.09 17.04
C ASP A 266 -29.85 -24.94 18.56
N GLY A 267 -29.39 -25.93 19.31
CA GLY A 267 -29.39 -25.86 20.79
C GLY A 267 -30.80 -25.76 21.36
N GLY A 268 -31.84 -26.13 20.61
CA GLY A 268 -33.22 -26.09 21.11
C GLY A 268 -33.86 -24.71 21.00
N ALA A 269 -33.32 -23.86 20.14
CA ALA A 269 -33.82 -22.49 19.85
C ALA A 269 -35.33 -22.45 19.64
N ALA A 270 -35.87 -21.37 20.18
CA ALA A 270 -37.28 -20.93 20.19
C ALA A 270 -37.36 -19.64 19.36
N HIS B 11 12.29 0.59 28.67
CA HIS B 11 11.99 0.62 27.20
C HIS B 11 12.95 -0.34 26.48
N ILE B 12 12.45 -1.50 26.05
CA ILE B 12 13.16 -2.42 25.12
C ILE B 12 13.13 -1.77 23.74
N PRO B 13 14.28 -1.64 23.03
CA PRO B 13 14.28 -1.05 21.70
C PRO B 13 13.29 -1.81 20.81
N GLY B 14 12.42 -1.05 20.14
CA GLY B 14 11.55 -1.53 19.06
C GLY B 14 10.20 -1.93 19.60
N ARG B 15 9.98 -1.85 20.93
CA ARG B 15 8.70 -2.30 21.55
C ARG B 15 7.77 -1.10 21.71
N LEU B 16 6.49 -1.38 21.98
CA LEU B 16 5.38 -0.43 22.00
C LEU B 16 4.64 -0.54 23.34
N ASP B 17 5.32 -1.01 24.39
CA ASP B 17 4.66 -1.25 25.69
C ASP B 17 4.05 0.08 26.16
N GLY B 18 2.82 0.04 26.66
CA GLY B 18 2.05 1.19 27.13
C GLY B 18 1.39 1.96 26.00
N LYS B 19 1.55 1.56 24.74
CA LYS B 19 0.93 2.32 23.62
C LYS B 19 -0.36 1.62 23.17
N VAL B 20 -1.24 2.37 22.52
CA VAL B 20 -2.49 1.89 21.88
C VAL B 20 -2.43 2.20 20.38
N ALA B 21 -2.77 1.20 19.59
CA ALA B 21 -2.73 1.25 18.12
C ALA B 21 -4.12 0.94 17.56
N LEU B 22 -4.39 1.47 16.37
CA LEU B 22 -5.62 1.18 15.62
C LEU B 22 -5.16 0.86 14.20
N VAL B 23 -5.74 -0.17 13.59
CA VAL B 23 -5.38 -0.60 12.21
C VAL B 23 -6.68 -0.78 11.45
N THR B 24 -6.90 -0.05 10.36
CA THR B 24 -8.12 -0.18 9.52
C THR B 24 -7.96 -1.48 8.72
N GLY B 25 -9.06 -2.23 8.55
CA GLY B 25 -9.04 -3.47 7.76
C GLY B 25 -8.03 -4.45 8.31
N SER B 26 -8.04 -4.71 9.62
CA SER B 26 -7.08 -5.65 10.25
C SER B 26 -7.72 -7.00 10.61
N GLY B 27 -8.90 -7.32 10.07
CA GLY B 27 -9.43 -8.68 10.19
C GLY B 27 -8.66 -9.65 9.31
N ARG B 28 -8.06 -9.16 8.22
CA ARG B 28 -7.40 -10.13 7.31
C ARG B 28 -6.30 -9.41 6.52
N GLY B 29 -5.51 -10.20 5.80
CA GLY B 29 -4.44 -9.71 4.94
C GLY B 29 -3.36 -8.98 5.71
N ILE B 30 -2.79 -7.97 5.06
CA ILE B 30 -1.66 -7.19 5.64
C ILE B 30 -2.13 -6.57 6.96
N GLY B 31 -3.33 -6.02 7.01
CA GLY B 31 -3.83 -5.36 8.24
C GLY B 31 -3.79 -6.31 9.44
N ALA B 32 -4.19 -7.57 9.25
CA ALA B 32 -4.18 -8.60 10.32
C ALA B 32 -2.76 -8.84 10.81
N ALA B 33 -1.79 -8.99 9.90
CA ALA B 33 -0.36 -9.13 10.22
C ALA B 33 0.12 -7.89 10.97
N VAL B 34 -0.28 -6.70 10.56
CA VAL B 34 0.16 -5.47 11.25
C VAL B 34 -0.39 -5.45 12.68
N ALA B 35 -1.68 -5.73 12.83
CA ALA B 35 -2.36 -5.75 14.14
C ALA B 35 -1.68 -6.78 15.05
N VAL B 36 -1.44 -8.00 14.59
CA VAL B 36 -0.82 -9.03 15.46
C VAL B 36 0.59 -8.58 15.84
N HIS B 37 1.35 -8.02 14.90
CA HIS B 37 2.74 -7.61 15.14
C HIS B 37 2.77 -6.49 16.19
N LEU B 38 1.92 -5.48 16.05
CA LEU B 38 1.90 -4.37 17.04
C LEU B 38 1.53 -4.96 18.40
N GLY B 39 0.61 -5.93 18.47
CA GLY B 39 0.30 -6.60 19.76
C GLY B 39 1.49 -7.35 20.29
N LEU B 40 2.19 -8.07 19.44
CA LEU B 40 3.44 -8.82 19.80
C LEU B 40 4.50 -7.85 20.38
N LEU B 41 4.55 -6.61 19.88
CA LEU B 41 5.51 -5.57 20.34
C LEU B 41 5.03 -4.89 21.64
N GLY B 42 3.80 -5.15 22.08
CA GLY B 42 3.30 -4.67 23.38
C GLY B 42 2.16 -3.68 23.28
N ALA B 43 1.75 -3.27 22.09
CA ALA B 43 0.61 -2.35 21.94
C ALA B 43 -0.71 -3.08 22.22
N LYS B 44 -1.67 -2.34 22.77
CA LYS B 44 -3.11 -2.69 22.74
C LYS B 44 -3.64 -2.27 21.37
N VAL B 45 -4.51 -3.07 20.78
CA VAL B 45 -4.90 -2.89 19.36
C VAL B 45 -6.40 -2.84 19.21
N VAL B 46 -6.82 -1.83 18.47
CA VAL B 46 -8.19 -1.71 17.91
C VAL B 46 -8.13 -2.32 16.50
N VAL B 47 -8.81 -3.45 16.35
CA VAL B 47 -8.93 -4.19 15.07
C VAL B 47 -10.23 -3.75 14.37
N ASN B 48 -10.12 -2.89 13.37
CA ASN B 48 -11.24 -2.42 12.53
C ASN B 48 -11.51 -3.45 11.42
N TYR B 49 -12.78 -3.69 11.17
CA TYR B 49 -13.27 -4.47 10.03
C TYR B 49 -14.53 -3.79 9.49
N ALA B 50 -14.90 -4.09 8.26
CA ALA B 50 -16.15 -3.61 7.66
C ALA B 50 -17.03 -4.83 7.31
N ASN B 51 -16.42 -5.95 6.93
CA ASN B 51 -17.17 -7.12 6.37
C ASN B 51 -16.76 -8.43 7.01
N SER B 52 -15.71 -8.47 7.83
CA SER B 52 -15.04 -9.72 8.28
C SER B 52 -15.00 -9.82 9.81
N PRO B 53 -16.18 -9.76 10.50
CA PRO B 53 -16.23 -9.74 11.97
C PRO B 53 -15.57 -10.95 12.62
N THR B 54 -15.79 -12.13 12.04
CA THR B 54 -15.27 -13.41 12.57
C THR B 54 -13.74 -13.41 12.52
N HIS B 55 -13.16 -13.03 11.38
CA HIS B 55 -11.68 -12.93 11.22
C HIS B 55 -11.12 -11.88 12.17
N ALA B 56 -11.82 -10.77 12.31
CA ALA B 56 -11.43 -9.70 13.26
C ALA B 56 -11.34 -10.28 14.68
N GLN B 57 -12.33 -11.05 15.10
CA GLN B 57 -12.34 -11.63 16.47
C GLN B 57 -11.18 -12.61 16.62
N LYS B 58 -10.84 -13.33 15.55
CA LYS B 58 -9.68 -14.24 15.62
C LYS B 58 -8.37 -13.46 15.82
N VAL B 59 -8.24 -12.31 15.16
CA VAL B 59 -7.04 -11.45 15.33
C VAL B 59 -7.02 -10.90 16.77
N VAL B 60 -8.17 -10.44 17.26
CA VAL B 60 -8.30 -10.00 18.68
C VAL B 60 -7.82 -11.12 19.62
N ASP B 61 -8.33 -12.32 19.43
CA ASP B 61 -8.06 -13.50 20.29
C ASP B 61 -6.57 -13.86 20.19
N GLU B 62 -5.96 -13.76 19.00
CA GLU B 62 -4.51 -13.96 18.84
C GLU B 62 -3.73 -12.91 19.66
N ILE B 63 -4.12 -11.63 19.62
CA ILE B 63 -3.36 -10.55 20.32
C ILE B 63 -3.48 -10.77 21.85
N LYS B 64 -4.66 -11.18 22.30
CA LYS B 64 -4.91 -11.50 23.75
C LYS B 64 -4.08 -12.71 24.14
N GLN B 65 -4.02 -13.74 23.31
CA GLN B 65 -3.23 -14.97 23.60
C GLN B 65 -1.75 -14.64 23.73
N LEU B 66 -1.21 -13.70 22.95
CA LEU B 66 0.24 -13.41 23.09
C LEU B 66 0.48 -12.38 24.21
N GLY B 67 -0.55 -11.90 24.89
CA GLY B 67 -0.40 -11.22 26.19
C GLY B 67 -0.68 -9.73 26.15
N SER B 68 -1.30 -9.22 25.08
CA SER B 68 -1.69 -7.80 25.03
C SER B 68 -3.20 -7.78 25.05
N ASP B 69 -3.83 -6.65 24.76
CA ASP B 69 -5.31 -6.54 24.72
C ASP B 69 -5.70 -5.98 23.35
N ALA B 70 -6.94 -6.19 22.97
CA ALA B 70 -7.42 -5.81 21.65
C ALA B 70 -8.94 -5.84 21.65
N ILE B 71 -9.55 -5.11 20.75
CA ILE B 71 -11.02 -5.13 20.54
C ILE B 71 -11.24 -4.95 19.06
N ALA B 72 -12.32 -5.52 18.56
CA ALA B 72 -12.75 -5.39 17.15
C ALA B 72 -13.82 -4.32 17.11
N ILE B 73 -13.67 -3.34 16.22
CA ILE B 73 -14.71 -2.31 16.01
C ILE B 73 -15.09 -2.30 14.54
N LYS B 74 -16.37 -2.37 14.26
CA LYS B 74 -16.88 -2.37 12.88
C LYS B 74 -16.97 -0.93 12.42
N ALA B 75 -16.46 -0.62 11.23
CA ALA B 75 -16.59 0.74 10.66
C ALA B 75 -16.22 0.66 9.18
N ASP B 76 -17.13 1.13 8.34
CA ASP B 76 -16.93 1.25 6.87
C ASP B 76 -16.14 2.57 6.64
N VAL B 77 -14.85 2.45 6.31
CA VAL B 77 -13.97 3.65 6.26
C VAL B 77 -14.19 4.40 4.94
N ARG B 78 -15.13 3.97 4.09
CA ARG B 78 -15.66 4.91 3.05
C ARG B 78 -16.53 6.02 3.68
N GLN B 79 -17.12 5.77 4.85
CA GLN B 79 -18.07 6.72 5.45
C GLN B 79 -17.37 7.50 6.55
N VAL B 80 -17.21 8.79 6.34
CA VAL B 80 -16.44 9.65 7.27
C VAL B 80 -17.10 9.64 8.65
N PRO B 81 -18.45 9.67 8.78
CA PRO B 81 -19.07 9.57 10.11
C PRO B 81 -18.71 8.28 10.85
N GLU B 82 -18.45 7.19 10.13
CA GLU B 82 -18.07 5.90 10.75
C GLU B 82 -16.60 5.96 11.16
N ILE B 83 -15.76 6.67 10.39
CA ILE B 83 -14.34 6.91 10.79
C ILE B 83 -14.29 7.67 12.12
N VAL B 84 -15.06 8.75 12.23
CA VAL B 84 -15.12 9.57 13.47
C VAL B 84 -15.53 8.63 14.62
N ARG B 85 -16.58 7.83 14.41
CA ARG B 85 -17.13 6.97 15.49
C ARG B 85 -16.08 5.93 15.85
N LEU B 86 -15.38 5.35 14.88
CA LEU B 86 -14.33 4.34 15.13
C LEU B 86 -13.25 4.90 16.06
N PHE B 87 -12.70 6.08 15.77
CA PHE B 87 -11.66 6.74 16.59
C PHE B 87 -12.25 7.14 17.96
N ASP B 88 -13.48 7.65 17.99
CA ASP B 88 -14.13 8.03 19.27
C ASP B 88 -14.22 6.78 20.15
N GLU B 89 -14.64 5.66 19.58
CA GLU B 89 -14.84 4.40 20.36
C GLU B 89 -13.49 3.80 20.77
N ALA B 90 -12.46 3.96 19.95
CA ALA B 90 -11.12 3.45 20.27
C ALA B 90 -10.63 4.15 21.53
N VAL B 91 -10.70 5.48 21.51
CA VAL B 91 -10.18 6.28 22.65
C VAL B 91 -11.05 5.98 23.89
N ALA B 92 -12.36 5.88 23.74
CA ALA B 92 -13.26 5.56 24.87
C ALA B 92 -12.89 4.20 25.46
N HIS B 93 -12.52 3.22 24.64
CA HIS B 93 -12.26 1.87 25.17
C HIS B 93 -10.91 1.85 25.89
N PHE B 94 -9.86 2.33 25.25
CA PHE B 94 -8.50 2.15 25.78
C PHE B 94 -8.02 3.41 26.46
N GLY B 95 -8.75 4.52 26.35
CA GLY B 95 -8.41 5.73 27.13
C GLY B 95 -7.52 6.67 26.32
N GLN B 96 -6.80 6.16 25.32
CA GLN B 96 -5.88 6.97 24.50
C GLN B 96 -5.63 6.23 23.18
N LEU B 97 -5.03 6.96 22.23
CA LEU B 97 -4.52 6.33 20.97
C LEU B 97 -3.14 6.95 20.62
N ASP B 98 -2.14 6.11 20.35
CA ASP B 98 -0.77 6.58 20.00
C ASP B 98 -0.45 6.32 18.51
N ILE B 99 -1.06 5.29 17.92
CA ILE B 99 -0.61 4.77 16.60
C ILE B 99 -1.87 4.55 15.78
N ALA B 100 -1.93 5.10 14.55
CA ALA B 100 -3.05 4.80 13.63
C ALA B 100 -2.47 4.34 12.30
N VAL B 101 -2.84 3.14 11.87
CA VAL B 101 -2.40 2.54 10.59
C VAL B 101 -3.60 2.47 9.68
N SER B 102 -3.57 3.26 8.59
CA SER B 102 -4.58 3.27 7.53
C SER B 102 -4.13 2.23 6.52
N ASN B 103 -4.83 1.10 6.49
CA ASN B 103 -4.46 -0.09 5.68
C ASN B 103 -5.56 -0.47 4.68
N SER B 104 -6.84 -0.29 4.98
CA SER B 104 -7.96 -0.82 4.15
C SER B 104 -7.75 -0.37 2.70
N GLY B 105 -7.98 -1.26 1.75
CA GLY B 105 -7.94 -0.89 0.35
C GLY B 105 -8.57 -1.96 -0.51
N VAL B 106 -8.89 -1.55 -1.74
CA VAL B 106 -9.37 -2.42 -2.82
C VAL B 106 -8.50 -2.23 -4.07
N VAL B 107 -8.37 -3.32 -4.83
CA VAL B 107 -7.61 -3.32 -6.12
C VAL B 107 -8.60 -3.21 -7.27
N SER B 108 -8.12 -2.77 -8.42
CA SER B 108 -8.95 -2.60 -9.64
C SER B 108 -8.02 -2.72 -10.84
N PHE B 109 -8.52 -3.31 -11.90
CA PHE B 109 -7.83 -3.44 -13.21
C PHE B 109 -8.82 -3.12 -14.31
N GLY B 110 -8.33 -2.42 -15.32
CA GLY B 110 -9.08 -2.11 -16.53
C GLY B 110 -8.37 -1.03 -17.32
N HIS B 111 -8.48 -1.10 -18.64
CA HIS B 111 -7.95 -0.10 -19.57
C HIS B 111 -8.66 1.20 -19.26
N LEU B 112 -7.93 2.32 -19.30
CA LEU B 112 -8.53 3.65 -19.23
C LEU B 112 -9.91 3.66 -19.95
N LYS B 113 -9.99 3.15 -21.19
CA LYS B 113 -11.23 3.37 -22.00
C LYS B 113 -12.48 2.73 -21.35
N ASP B 114 -12.28 1.76 -20.46
CA ASP B 114 -13.36 0.90 -19.91
C ASP B 114 -13.67 1.35 -18.49
N VAL B 115 -12.93 2.32 -17.94
CA VAL B 115 -13.17 2.71 -16.52
C VAL B 115 -14.44 3.55 -16.42
N THR B 116 -15.36 3.13 -15.56
CA THR B 116 -16.65 3.82 -15.35
C THR B 116 -16.54 4.78 -14.18
N GLU B 117 -17.50 5.70 -14.10
CA GLU B 117 -17.61 6.57 -12.88
C GLU B 117 -17.79 5.70 -11.64
N GLU B 118 -18.62 4.65 -11.72
CA GLU B 118 -18.90 3.77 -10.58
C GLU B 118 -17.58 3.16 -10.09
N GLU B 119 -16.72 2.76 -11.01
CA GLU B 119 -15.50 2.03 -10.61
C GLU B 119 -14.49 3.01 -10.02
N PHE B 120 -14.35 4.18 -10.63
CA PHE B 120 -13.48 5.27 -10.10
C PHE B 120 -13.86 5.55 -8.65
N ASP B 121 -15.16 5.73 -8.42
CA ASP B 121 -15.71 6.09 -7.10
C ASP B 121 -15.49 4.96 -6.09
N ARG B 122 -15.65 3.71 -6.50
CA ARG B 122 -15.47 2.55 -5.60
C ARG B 122 -14.04 2.54 -5.05
N VAL B 123 -13.07 2.75 -5.93
CA VAL B 123 -11.63 2.69 -5.56
C VAL B 123 -11.25 3.93 -4.75
N PHE B 124 -11.50 5.14 -5.27
CA PHE B 124 -11.00 6.39 -4.63
C PHE B 124 -11.69 6.63 -3.28
N SER B 125 -12.96 6.24 -3.13
CA SER B 125 -13.74 6.42 -1.87
C SER B 125 -13.05 5.73 -0.70
N LEU B 126 -12.46 4.55 -0.91
CA LEU B 126 -11.76 3.79 0.15
C LEU B 126 -10.28 4.14 0.12
N ASN B 127 -9.64 3.98 -1.03
CA ASN B 127 -8.16 3.97 -1.11
C ASN B 127 -7.60 5.36 -0.80
N THR B 128 -8.33 6.40 -1.10
CA THR B 128 -7.79 7.77 -1.17
C THR B 128 -8.56 8.69 -0.22
N ARG B 129 -9.84 8.92 -0.48
CA ARG B 129 -10.72 9.71 0.43
C ARG B 129 -10.79 9.08 1.83
N GLY B 130 -11.06 7.78 1.89
CA GLY B 130 -11.11 7.02 3.16
C GLY B 130 -9.84 7.19 3.96
N GLN B 131 -8.67 6.96 3.31
CA GLN B 131 -7.38 7.06 4.00
C GLN B 131 -7.16 8.50 4.48
N PHE B 132 -7.53 9.47 3.67
CA PHE B 132 -7.37 10.91 4.01
C PHE B 132 -8.10 11.21 5.32
N PHE B 133 -9.34 10.77 5.44
CA PHE B 133 -10.17 11.06 6.64
C PHE B 133 -9.79 10.19 7.83
N VAL B 134 -9.23 9.01 7.57
CA VAL B 134 -8.60 8.23 8.67
C VAL B 134 -7.45 9.04 9.26
N ALA B 135 -6.59 9.62 8.41
CA ALA B 135 -5.43 10.41 8.89
C ALA B 135 -5.98 11.63 9.64
N ARG B 136 -7.07 12.24 9.14
CA ARG B 136 -7.65 13.44 9.78
C ARG B 136 -8.12 13.12 11.20
N GLU B 137 -8.87 12.03 11.37
CA GLU B 137 -9.36 11.63 12.70
C GLU B 137 -8.19 11.15 13.55
N ALA B 138 -7.18 10.46 12.98
CA ALA B 138 -5.97 10.07 13.74
C ALA B 138 -5.32 11.33 14.33
N TYR B 139 -5.12 12.38 13.52
CA TYR B 139 -4.45 13.62 13.97
C TYR B 139 -5.23 14.15 15.17
N LYS B 140 -6.55 14.17 15.05
CA LYS B 140 -7.47 14.77 16.05
C LYS B 140 -7.48 13.97 17.37
N HIS B 141 -7.23 12.65 17.34
CA HIS B 141 -7.41 11.77 18.52
C HIS B 141 -6.08 11.36 19.15
N LEU B 142 -4.95 11.47 18.43
CA LEU B 142 -3.70 10.83 18.85
C LEU B 142 -3.03 11.65 19.96
N ASN B 143 -2.37 10.96 20.87
CA ASN B 143 -1.45 11.57 21.86
C ASN B 143 -0.32 12.29 21.11
N ASN B 144 0.21 13.34 21.71
CA ASN B 144 1.48 13.96 21.22
C ASN B 144 2.54 12.85 21.14
N GLY B 145 3.41 12.94 20.14
CA GLY B 145 4.52 11.99 19.94
C GLY B 145 4.03 10.72 19.27
N GLY B 146 2.82 10.73 18.73
CA GLY B 146 2.26 9.51 18.12
C GLY B 146 2.70 9.28 16.67
N ARG B 147 1.97 8.38 15.99
CA ARG B 147 2.36 7.82 14.67
C ARG B 147 1.13 7.63 13.79
N ILE B 148 1.20 8.11 12.53
CA ILE B 148 0.22 7.79 11.47
C ILE B 148 0.98 7.05 10.35
N ILE B 149 0.45 5.89 9.91
CA ILE B 149 0.96 5.10 8.76
C ILE B 149 -0.17 5.02 7.76
N MET B 150 0.11 5.38 6.52
CA MET B 150 -0.85 5.15 5.41
C MET B 150 -0.28 4.10 4.45
N THR B 151 -1.15 3.49 3.64
CA THR B 151 -0.79 2.35 2.78
C THR B 151 -0.87 2.78 1.32
N SER B 152 0.30 2.74 0.66
CA SER B 152 0.45 3.04 -0.77
C SER B 152 0.68 1.69 -1.49
N SER B 153 1.51 1.69 -2.53
CA SER B 153 1.78 0.51 -3.39
C SER B 153 3.00 0.84 -4.23
N ASN B 154 3.79 -0.18 -4.57
CA ASN B 154 4.94 0.08 -5.46
C ASN B 154 4.47 0.35 -6.87
N THR B 155 3.17 0.26 -7.13
CA THR B 155 2.51 0.67 -8.38
C THR B 155 2.30 2.17 -8.43
N SER B 156 2.43 2.90 -7.32
CA SER B 156 2.18 4.37 -7.35
C SER B 156 3.26 5.07 -8.20
N ARG B 157 4.52 4.65 -8.10
CA ARG B 157 5.70 5.30 -8.76
C ARG B 157 6.64 4.26 -9.40
N ASP B 158 6.94 3.18 -8.71
CA ASP B 158 8.10 2.31 -9.08
C ASP B 158 7.76 1.44 -10.30
N PHE B 159 6.53 0.98 -10.43
CA PHE B 159 6.12 -0.04 -11.43
C PHE B 159 4.86 0.44 -12.15
N SER B 160 4.91 0.36 -13.48
CA SER B 160 3.90 0.88 -14.40
C SER B 160 3.23 -0.31 -15.11
N VAL B 161 2.15 -0.82 -14.53
CA VAL B 161 1.47 -2.06 -15.02
C VAL B 161 0.36 -1.59 -15.96
N PRO B 162 0.19 -2.20 -17.14
CA PRO B 162 -0.94 -1.82 -17.98
C PRO B 162 -2.27 -2.07 -17.26
N LYS B 163 -3.27 -1.25 -17.60
CA LYS B 163 -4.66 -1.40 -17.12
C LYS B 163 -4.73 -1.25 -15.59
N HIS B 164 -3.77 -0.54 -15.01
CA HIS B 164 -3.72 -0.36 -13.54
C HIS B 164 -3.84 1.11 -13.16
N SER B 165 -4.44 1.97 -13.98
CA SER B 165 -4.26 3.43 -13.80
C SER B 165 -5.04 3.92 -12.57
N LEU B 166 -6.26 3.44 -12.42
CA LEU B 166 -7.15 3.88 -11.32
C LEU B 166 -6.51 3.57 -9.98
N TYR B 167 -6.13 2.33 -9.79
CA TYR B 167 -5.49 1.89 -8.53
C TYR B 167 -4.17 2.64 -8.30
N SER B 168 -3.30 2.69 -9.30
CA SER B 168 -2.01 3.38 -9.18
C SER B 168 -2.24 4.83 -8.77
N GLY B 169 -3.17 5.54 -9.40
CA GLY B 169 -3.43 6.94 -9.05
C GLY B 169 -3.99 7.06 -7.62
N SER B 170 -4.84 6.12 -7.21
CA SER B 170 -5.42 6.13 -5.85
C SER B 170 -4.29 6.14 -4.83
N LYS B 171 -3.22 5.38 -5.08
CA LYS B 171 -2.07 5.28 -4.14
C LYS B 171 -1.08 6.45 -4.32
N GLY B 172 -0.91 6.96 -5.54
CA GLY B 172 -0.06 8.15 -5.81
C GLY B 172 -0.50 9.33 -4.98
N ALA B 173 -1.79 9.51 -4.81
CA ALA B 173 -2.33 10.57 -3.94
C ALA B 173 -1.80 10.40 -2.50
N ILE B 174 -1.71 9.16 -2.02
CA ILE B 174 -1.29 8.88 -0.63
C ILE B 174 0.15 9.34 -0.45
N ASP B 175 1.02 9.02 -1.39
CA ASP B 175 2.46 9.40 -1.34
C ASP B 175 2.59 10.92 -1.11
N SER B 176 1.82 11.74 -1.83
CA SER B 176 1.75 13.21 -1.62
C SER B 176 1.15 13.57 -0.26
N PHE B 177 0.08 12.90 0.16
CA PHE B 177 -0.56 13.24 1.45
C PHE B 177 0.46 13.10 2.59
N VAL B 178 1.20 12.00 2.62
CA VAL B 178 2.10 11.78 3.78
C VAL B 178 3.16 12.88 3.88
N ARG B 179 3.70 13.33 2.75
CA ARG B 179 4.75 14.39 2.72
C ARG B 179 4.24 15.66 3.41
N ILE B 180 3.01 16.08 3.09
CA ILE B 180 2.43 17.32 3.67
C ILE B 180 1.88 17.05 5.09
N PHE B 181 1.25 15.90 5.28
CA PHE B 181 0.76 15.49 6.62
C PHE B 181 1.89 15.56 7.64
N SER B 182 3.12 15.18 7.30
CA SER B 182 4.26 15.25 8.24
C SER B 182 4.46 16.70 8.71
N LYS B 183 4.22 17.66 7.84
CA LYS B 183 4.32 19.11 8.19
C LYS B 183 3.19 19.46 9.14
N ASP B 184 1.94 19.17 8.78
CA ASP B 184 0.78 19.56 9.60
C ASP B 184 0.88 18.87 10.97
N CYS B 185 1.21 17.58 10.98
CA CYS B 185 1.11 16.74 12.21
C CYS B 185 2.29 17.02 13.14
N GLY B 186 3.34 17.73 12.70
CA GLY B 186 4.51 18.06 13.53
C GLY B 186 4.10 18.93 14.72
N ASP B 187 2.97 19.62 14.63
CA ASP B 187 2.50 20.47 15.76
C ASP B 187 2.06 19.59 16.93
N LYS B 188 1.89 18.26 16.76
CA LYS B 188 1.67 17.31 17.88
C LYS B 188 2.83 16.32 17.97
N LYS B 189 3.92 16.60 17.25
CA LYS B 189 5.10 15.72 17.18
C LYS B 189 4.66 14.32 16.71
N ILE B 190 3.64 14.26 15.89
CA ILE B 190 3.23 12.98 15.26
C ILE B 190 4.01 12.82 13.96
N THR B 191 4.61 11.66 13.72
CA THR B 191 5.27 11.35 12.42
C THR B 191 4.22 10.73 11.50
N VAL B 192 4.40 10.93 10.21
CA VAL B 192 3.43 10.36 9.22
C VAL B 192 4.26 9.77 8.12
N ASN B 193 4.10 8.46 7.87
CA ASN B 193 4.80 7.79 6.76
C ASN B 193 3.83 6.89 6.01
N ALA B 194 4.23 6.40 4.85
CA ALA B 194 3.47 5.38 4.12
C ALA B 194 4.36 4.18 3.92
N VAL B 195 3.76 2.98 3.85
CA VAL B 195 4.44 1.78 3.33
C VAL B 195 3.80 1.45 1.98
N ALA B 196 4.64 1.10 1.02
CA ALA B 196 4.27 0.78 -0.35
C ALA B 196 4.74 -0.66 -0.57
N PRO B 197 3.90 -1.63 -0.22
CA PRO B 197 4.24 -3.02 -0.48
C PRO B 197 4.37 -3.30 -2.00
N GLY B 198 5.18 -4.30 -2.30
CA GLY B 198 5.11 -4.99 -3.59
C GLY B 198 4.12 -6.13 -3.45
N GLY B 199 4.14 -7.09 -4.37
CA GLY B 199 3.26 -8.26 -4.33
C GLY B 199 3.42 -9.01 -3.03
N THR B 200 2.36 -9.00 -2.25
CA THR B 200 2.32 -9.57 -0.86
C THR B 200 1.21 -10.61 -0.80
N VAL B 201 1.53 -11.85 -0.40
CA VAL B 201 0.57 -12.97 -0.55
C VAL B 201 -0.60 -12.77 0.40
N THR B 202 -1.72 -12.34 -0.15
CA THR B 202 -3.00 -12.15 0.51
C THR B 202 -4.07 -12.58 -0.51
N ASP B 203 -5.34 -12.50 -0.15
CA ASP B 203 -6.41 -12.72 -1.16
C ASP B 203 -6.41 -11.62 -2.24
N MET B 204 -6.00 -10.38 -1.93
CA MET B 204 -5.85 -9.35 -2.98
C MET B 204 -4.84 -9.82 -4.07
N PHE B 205 -3.69 -10.30 -3.65
CA PHE B 205 -2.62 -10.83 -4.53
C PHE B 205 -3.20 -11.92 -5.46
N HIS B 206 -3.87 -12.91 -4.87
CA HIS B 206 -4.42 -14.07 -5.64
C HIS B 206 -5.54 -13.62 -6.56
N ASP B 207 -6.28 -12.59 -6.16
CA ASP B 207 -7.39 -12.03 -6.97
C ASP B 207 -6.88 -11.50 -8.32
N VAL B 208 -5.68 -10.89 -8.36
CA VAL B 208 -5.21 -10.12 -9.53
C VAL B 208 -3.82 -10.53 -10.02
N SER B 209 -3.19 -11.59 -9.46
CA SER B 209 -1.83 -12.01 -9.88
C SER B 209 -1.83 -12.24 -11.40
N GLN B 210 -2.92 -12.71 -11.99
CA GLN B 210 -3.03 -12.86 -13.48
C GLN B 210 -2.74 -11.52 -14.20
N HIS B 211 -3.19 -10.40 -13.67
CA HIS B 211 -3.10 -9.06 -14.30
C HIS B 211 -1.69 -8.48 -14.13
N TYR B 212 -0.85 -9.08 -13.29
CA TYR B 212 0.56 -8.62 -13.05
C TYR B 212 1.54 -9.57 -13.75
N ILE B 213 1.11 -10.79 -14.06
CA ILE B 213 1.98 -11.74 -14.79
C ILE B 213 1.64 -11.66 -16.30
N PRO B 214 2.67 -11.53 -17.14
CA PRO B 214 2.48 -11.51 -18.59
C PRO B 214 1.75 -12.80 -18.96
N ASN B 215 0.65 -12.70 -19.71
CA ASN B 215 -0.16 -13.89 -20.07
C ASN B 215 -0.48 -14.66 -18.79
N GLY B 216 -0.89 -13.96 -17.73
CA GLY B 216 -1.08 -14.60 -16.43
C GLY B 216 -2.26 -15.53 -16.40
N GLU B 217 -3.29 -15.26 -17.20
CA GLU B 217 -4.51 -16.12 -17.25
C GLU B 217 -4.11 -17.54 -17.67
N THR B 218 -3.03 -17.63 -18.44
CA THR B 218 -2.42 -18.85 -19.03
C THR B 218 -1.79 -19.75 -17.95
N TYR B 219 -1.55 -19.26 -16.74
CA TYR B 219 -0.92 -20.12 -15.70
C TYR B 219 -1.90 -20.40 -14.55
N THR B 220 -1.54 -21.28 -13.63
CA THR B 220 -2.39 -21.58 -12.45
C THR B 220 -2.07 -20.57 -11.31
N PRO B 221 -2.88 -20.57 -10.24
CA PRO B 221 -2.65 -19.64 -9.13
C PRO B 221 -1.30 -19.88 -8.44
N GLU B 222 -0.93 -21.15 -8.25
CA GLU B 222 0.33 -21.53 -7.57
C GLU B 222 1.51 -21.12 -8.46
N GLU B 223 1.39 -21.30 -9.77
CA GLU B 223 2.43 -20.92 -10.77
C GLU B 223 2.59 -19.40 -10.81
N ARG B 224 1.48 -18.68 -10.67
CA ARG B 224 1.52 -17.20 -10.62
C ARG B 224 2.28 -16.82 -9.36
N GLN B 225 2.00 -17.45 -8.23
CA GLN B 225 2.70 -17.12 -6.96
C GLN B 225 4.19 -17.47 -7.11
N LYS B 226 4.56 -18.63 -7.66
CA LYS B 226 5.99 -18.97 -7.91
C LYS B 226 6.65 -17.94 -8.85
N MET B 227 5.97 -17.51 -9.91
CA MET B 227 6.61 -16.57 -10.87
C MET B 227 6.77 -15.19 -10.23
N ALA B 228 5.87 -14.80 -9.33
CA ALA B 228 6.01 -13.54 -8.58
C ALA B 228 7.22 -13.66 -7.64
N ALA B 229 7.52 -14.87 -7.18
CA ALA B 229 8.61 -15.15 -6.21
C ALA B 229 9.93 -14.73 -6.85
N HIS B 230 10.06 -14.86 -8.16
CA HIS B 230 11.32 -14.61 -8.89
C HIS B 230 11.45 -13.11 -9.20
N ALA B 231 10.43 -12.29 -8.93
CA ALA B 231 10.53 -10.83 -9.10
C ALA B 231 11.65 -10.30 -8.18
N SER B 232 11.75 -10.83 -6.96
CA SER B 232 12.75 -10.38 -5.98
C SER B 232 14.08 -11.09 -6.27
N PRO B 233 15.23 -10.39 -6.18
CA PRO B 233 16.51 -11.08 -6.19
C PRO B 233 16.68 -12.09 -5.05
N LEU B 234 15.81 -12.02 -4.04
CA LEU B 234 15.82 -12.98 -2.93
C LEU B 234 15.03 -14.25 -3.28
N HIS B 235 14.34 -14.28 -4.43
CA HIS B 235 13.59 -15.47 -4.92
C HIS B 235 12.65 -15.98 -3.84
N ARG B 236 11.84 -15.10 -3.27
CA ARG B 236 10.67 -15.51 -2.48
C ARG B 236 9.59 -14.46 -2.67
N ASN B 237 8.37 -14.81 -2.30
CA ASN B 237 7.25 -13.84 -2.27
C ASN B 237 7.39 -12.95 -1.05
N GLY B 238 6.81 -11.76 -1.11
CA GLY B 238 6.52 -10.95 0.09
C GLY B 238 5.35 -11.55 0.84
N PHE B 239 5.37 -11.49 2.16
CA PHE B 239 4.27 -11.96 3.03
C PHE B 239 3.82 -10.81 3.92
N PRO B 240 2.58 -10.87 4.44
CA PRO B 240 2.08 -9.82 5.33
C PRO B 240 3.06 -9.47 6.46
N GLU B 241 3.76 -10.45 7.03
CA GLU B 241 4.72 -10.23 8.14
C GLU B 241 5.83 -9.27 7.71
N ASP B 242 6.25 -9.37 6.44
CA ASP B 242 7.36 -8.54 5.92
C ASP B 242 6.98 -7.07 6.02
N ILE B 243 5.71 -6.76 5.75
CA ILE B 243 5.14 -5.39 5.79
C ILE B 243 4.98 -5.00 7.26
N ALA B 244 4.41 -5.90 8.05
CA ALA B 244 4.13 -5.66 9.48
C ALA B 244 5.42 -5.24 10.19
N ARG B 245 6.55 -5.87 9.87
CA ARG B 245 7.83 -5.59 10.59
C ARG B 245 8.29 -4.16 10.30
N VAL B 246 8.09 -3.70 9.07
CA VAL B 246 8.47 -2.31 8.70
C VAL B 246 7.54 -1.34 9.40
N VAL B 247 6.23 -1.58 9.38
CA VAL B 247 5.27 -0.74 10.15
C VAL B 247 5.69 -0.69 11.64
N GLY B 248 6.02 -1.81 12.23
CA GLY B 248 6.39 -1.86 13.65
C GLY B 248 7.58 -0.95 13.93
N PHE B 249 8.57 -0.96 13.06
CA PHE B 249 9.77 -0.11 13.25
C PHE B 249 9.39 1.36 13.15
N LEU B 250 8.67 1.72 12.10
CA LEU B 250 8.23 3.12 11.91
C LEU B 250 7.43 3.61 13.11
N VAL B 251 6.56 2.78 13.71
CA VAL B 251 5.67 3.30 14.79
C VAL B 251 6.35 3.19 16.16
N SER B 252 7.56 2.61 16.24
CA SER B 252 8.38 2.56 17.48
C SER B 252 8.98 3.95 17.74
N ALA B 253 9.45 4.18 18.95
CA ALA B 253 10.29 5.36 19.27
C ALA B 253 11.48 5.42 18.32
N GLU B 254 12.05 4.27 17.96
CA GLU B 254 13.34 4.19 17.22
C GLU B 254 13.14 4.60 15.75
N GLY B 255 11.90 4.65 15.24
CA GLY B 255 11.62 5.02 13.84
C GLY B 255 11.35 6.50 13.68
N GLU B 256 11.45 7.29 14.76
CA GLU B 256 11.01 8.71 14.75
C GLU B 256 11.65 9.52 13.63
N TRP B 257 12.91 9.27 13.29
CA TRP B 257 13.61 10.16 12.36
C TRP B 257 13.28 9.81 10.89
N ILE B 258 12.49 8.76 10.65
CA ILE B 258 11.79 8.56 9.35
C ILE B 258 10.43 9.24 9.47
N ASN B 259 10.25 10.31 8.72
CA ASN B 259 9.06 11.16 8.80
C ASN B 259 8.79 11.75 7.41
N GLY B 260 7.54 11.68 7.01
CA GLY B 260 7.06 12.18 5.71
C GLY B 260 7.58 11.34 4.57
N LYS B 261 7.86 10.04 4.78
CA LYS B 261 8.49 9.22 3.73
C LYS B 261 7.54 8.12 3.29
N VAL B 262 7.78 7.61 2.11
CA VAL B 262 7.11 6.41 1.57
C VAL B 262 8.18 5.32 1.49
N LEU B 263 8.07 4.26 2.26
CA LEU B 263 9.06 3.15 2.21
C LEU B 263 8.48 2.04 1.32
N THR B 264 9.17 1.73 0.26
CA THR B 264 8.75 0.67 -0.66
C THR B 264 9.29 -0.64 -0.09
N VAL B 265 8.40 -1.60 0.14
CA VAL B 265 8.75 -2.88 0.82
C VAL B 265 8.37 -4.02 -0.13
N ASP B 266 9.29 -4.36 -1.04
CA ASP B 266 9.02 -5.30 -2.17
C ASP B 266 10.17 -6.29 -2.36
N GLY B 267 11.07 -6.40 -1.39
CA GLY B 267 12.23 -7.31 -1.48
C GLY B 267 13.17 -6.97 -2.63
N GLY B 268 13.13 -5.75 -3.17
CA GLY B 268 13.95 -5.33 -4.31
C GLY B 268 13.41 -5.82 -5.65
N ALA B 269 12.11 -6.05 -5.76
CA ALA B 269 11.41 -6.53 -6.98
C ALA B 269 11.82 -5.74 -8.22
N ALA B 270 11.94 -6.47 -9.34
CA ALA B 270 12.05 -5.96 -10.72
C ALA B 270 10.74 -6.25 -11.45
N LEU C 10 14.69 26.59 -44.78
CA LEU C 10 14.92 26.96 -43.34
C LEU C 10 13.95 26.18 -42.44
N HIS C 11 14.48 25.33 -41.57
CA HIS C 11 13.69 24.34 -40.79
C HIS C 11 12.86 25.08 -39.73
N ILE C 12 11.55 24.88 -39.76
CA ILE C 12 10.59 25.41 -38.74
C ILE C 12 10.15 24.25 -37.85
N PRO C 13 10.65 24.12 -36.61
CA PRO C 13 10.38 22.90 -35.85
C PRO C 13 9.01 22.99 -35.16
N GLY C 14 8.45 21.87 -34.75
CA GLY C 14 7.41 21.88 -33.73
C GLY C 14 6.07 22.42 -34.21
N ARG C 15 5.79 22.45 -35.52
CA ARG C 15 4.45 22.94 -35.94
C ARG C 15 3.39 21.85 -35.84
N LEU C 16 2.13 22.33 -35.79
CA LEU C 16 0.88 21.59 -35.51
C LEU C 16 -0.16 21.88 -36.62
N ASP C 17 0.32 22.27 -37.79
CA ASP C 17 -0.54 22.61 -38.96
C ASP C 17 -1.36 21.37 -39.28
N GLY C 18 -2.67 21.51 -39.41
CA GLY C 18 -3.59 20.42 -39.77
C GLY C 18 -3.98 19.66 -38.54
N LYS C 19 -3.50 20.04 -37.35
CA LYS C 19 -3.90 19.31 -36.11
C LYS C 19 -5.00 20.08 -35.40
N VAL C 20 -5.81 19.34 -34.63
CA VAL C 20 -6.88 19.91 -33.78
C VAL C 20 -6.58 19.62 -32.31
N ALA C 21 -6.59 20.66 -31.50
CA ALA C 21 -6.32 20.61 -30.04
C ALA C 21 -7.57 21.03 -29.24
N LEU C 22 -7.71 20.45 -28.06
CA LEU C 22 -8.73 20.84 -27.07
C LEU C 22 -7.98 21.15 -25.78
N VAL C 23 -8.26 22.28 -25.15
CA VAL C 23 -7.66 22.62 -23.83
C VAL C 23 -8.80 22.86 -22.84
N THR C 24 -8.87 22.10 -21.75
CA THR C 24 -9.87 22.38 -20.68
C THR C 24 -9.50 23.68 -19.93
N GLY C 25 -10.51 24.51 -19.63
CA GLY C 25 -10.27 25.70 -18.78
C GLY C 25 -9.31 26.65 -19.46
N SER C 26 -9.46 26.85 -20.76
CA SER C 26 -8.53 27.67 -21.56
C SER C 26 -9.05 29.11 -21.74
N GLY C 27 -10.08 29.55 -21.02
CA GLY C 27 -10.47 30.98 -21.02
C GLY C 27 -9.48 31.87 -20.30
N ARG C 28 -8.81 31.36 -19.26
CA ARG C 28 -7.92 32.15 -18.40
C ARG C 28 -6.66 31.35 -18.07
N GLY C 29 -5.70 32.08 -17.49
CA GLY C 29 -4.46 31.58 -16.86
C GLY C 29 -3.64 30.70 -17.79
N ILE C 30 -3.12 29.61 -17.25
CA ILE C 30 -2.23 28.71 -18.02
C ILE C 30 -2.97 28.15 -19.23
N GLY C 31 -4.21 27.69 -19.07
CA GLY C 31 -4.99 27.11 -20.17
C GLY C 31 -5.01 28.07 -21.38
N ALA C 32 -5.28 29.33 -21.12
CA ALA C 32 -5.39 30.37 -22.16
C ALA C 32 -4.04 30.51 -22.87
N ALA C 33 -2.93 30.52 -22.11
CA ALA C 33 -1.62 30.62 -22.75
C ALA C 33 -1.40 29.36 -23.60
N VAL C 34 -1.78 28.18 -23.10
CA VAL C 34 -1.58 26.94 -23.91
C VAL C 34 -2.39 27.04 -25.22
N ALA C 35 -3.66 27.40 -25.13
CA ALA C 35 -4.55 27.44 -26.29
C ALA C 35 -3.93 28.40 -27.34
N VAL C 36 -3.49 29.60 -26.92
CA VAL C 36 -2.92 30.61 -27.87
C VAL C 36 -1.63 30.07 -28.49
N HIS C 37 -0.77 29.46 -27.65
CA HIS C 37 0.50 28.84 -28.12
C HIS C 37 0.26 27.78 -29.19
N LEU C 38 -0.66 26.84 -28.95
CA LEU C 38 -0.97 25.76 -29.91
C LEU C 38 -1.52 26.39 -31.21
N GLY C 39 -2.36 27.42 -31.11
CA GLY C 39 -2.80 28.21 -32.28
C GLY C 39 -1.65 28.84 -33.06
N LEU C 40 -0.71 29.48 -32.37
CA LEU C 40 0.51 30.10 -32.96
C LEU C 40 1.30 29.02 -33.73
N LEU C 41 1.34 27.79 -33.24
CA LEU C 41 2.09 26.68 -33.90
C LEU C 41 1.27 26.02 -35.01
N GLY C 42 0.01 26.38 -35.19
CA GLY C 42 -0.79 26.03 -36.38
C GLY C 42 -1.98 25.15 -36.09
N ALA C 43 -2.23 24.75 -34.83
CA ALA C 43 -3.41 23.94 -34.46
C ALA C 43 -4.66 24.81 -34.47
N LYS C 44 -5.76 24.22 -34.88
CA LYS C 44 -7.11 24.74 -34.55
C LYS C 44 -7.44 24.28 -33.12
N VAL C 45 -8.13 25.13 -32.37
CA VAL C 45 -8.26 24.95 -30.89
C VAL C 45 -9.71 25.04 -30.42
N VAL C 46 -10.12 24.06 -29.61
CA VAL C 46 -11.37 24.08 -28.80
C VAL C 46 -11.01 24.67 -27.46
N VAL C 47 -11.52 25.86 -27.17
CA VAL C 47 -11.35 26.62 -25.92
C VAL C 47 -12.53 26.26 -25.01
N ASN C 48 -12.27 25.50 -23.95
CA ASN C 48 -13.29 25.09 -22.97
C ASN C 48 -13.31 26.12 -21.83
N TYR C 49 -14.50 26.45 -21.36
CA TYR C 49 -14.71 27.27 -20.14
C TYR C 49 -15.93 26.72 -19.43
N ALA C 50 -16.07 27.04 -18.16
CA ALA C 50 -17.22 26.64 -17.31
C ALA C 50 -17.90 27.91 -16.78
N ASN C 51 -17.15 28.98 -16.53
CA ASN C 51 -17.69 30.17 -15.85
C ASN C 51 -17.29 31.49 -16.52
N SER C 52 -16.37 31.49 -17.50
CA SER C 52 -15.72 32.71 -18.03
C SER C 52 -15.90 32.81 -19.54
N PRO C 53 -17.17 32.95 -20.03
CA PRO C 53 -17.43 33.02 -21.47
C PRO C 53 -16.76 34.19 -22.19
N THR C 54 -16.63 35.36 -21.57
CA THR C 54 -16.05 36.56 -22.25
C THR C 54 -14.53 36.38 -22.38
N HIS C 55 -13.90 35.88 -21.31
CA HIS C 55 -12.46 35.48 -21.34
C HIS C 55 -12.24 34.47 -22.47
N ALA C 56 -13.08 33.44 -22.56
CA ALA C 56 -12.94 32.39 -23.59
C ALA C 56 -13.04 33.02 -24.97
N GLN C 57 -14.00 33.92 -25.17
CA GLN C 57 -14.15 34.57 -26.50
C GLN C 57 -12.90 35.39 -26.83
N LYS C 58 -12.32 36.12 -25.89
CA LYS C 58 -11.05 36.84 -26.13
C LYS C 58 -9.99 35.82 -26.60
N VAL C 59 -9.92 34.64 -25.97
CA VAL C 59 -8.89 33.66 -26.38
C VAL C 59 -9.15 33.19 -27.82
N VAL C 60 -10.39 32.84 -28.15
CA VAL C 60 -10.79 32.43 -29.52
C VAL C 60 -10.39 33.54 -30.52
N ASP C 61 -10.73 34.79 -30.19
CA ASP C 61 -10.45 35.98 -31.05
C ASP C 61 -8.92 36.11 -31.29
N GLU C 62 -8.06 35.91 -30.27
CA GLU C 62 -6.60 36.02 -30.41
C GLU C 62 -6.09 34.93 -31.37
N ILE C 63 -6.64 33.73 -31.25
CA ILE C 63 -6.21 32.56 -32.05
C ILE C 63 -6.62 32.80 -33.50
N LYS C 64 -7.82 33.33 -33.76
CA LYS C 64 -8.22 33.67 -35.15
C LYS C 64 -7.34 34.80 -35.70
N GLN C 65 -7.11 35.85 -34.92
CA GLN C 65 -6.20 36.96 -35.30
C GLN C 65 -4.83 36.44 -35.76
N LEU C 66 -4.24 35.46 -35.04
CA LEU C 66 -2.96 34.78 -35.34
C LEU C 66 -2.98 34.02 -36.66
N GLY C 67 -4.15 33.66 -37.18
CA GLY C 67 -4.23 32.93 -38.47
C GLY C 67 -4.72 31.50 -38.33
N SER C 68 -5.20 31.10 -37.16
CA SER C 68 -5.75 29.76 -36.97
C SER C 68 -7.25 29.90 -36.71
N ASP C 69 -7.90 28.80 -36.33
CA ASP C 69 -9.35 28.78 -36.06
C ASP C 69 -9.56 28.17 -34.68
N ALA C 70 -10.60 28.64 -33.99
CA ALA C 70 -10.91 28.26 -32.60
C ALA C 70 -12.42 28.35 -32.39
N ILE C 71 -12.96 27.61 -31.42
CA ILE C 71 -14.35 27.80 -30.91
C ILE C 71 -14.25 27.68 -29.40
N ALA C 72 -15.14 28.36 -28.69
CA ALA C 72 -15.34 28.21 -27.23
C ALA C 72 -16.51 27.24 -26.98
N ILE C 73 -16.34 26.27 -26.09
CA ILE C 73 -17.39 25.30 -25.69
C ILE C 73 -17.46 25.27 -24.17
N LYS C 74 -18.62 25.64 -23.63
CA LYS C 74 -18.93 25.57 -22.19
C LYS C 74 -19.09 24.11 -21.81
N ALA C 75 -18.39 23.70 -20.76
CA ALA C 75 -18.53 22.35 -20.16
C ALA C 75 -17.85 22.38 -18.81
N ASP C 76 -18.56 21.92 -17.81
CA ASP C 76 -18.08 21.76 -16.42
C ASP C 76 -17.43 20.37 -16.36
N VAL C 77 -16.10 20.31 -16.30
CA VAL C 77 -15.42 18.99 -16.45
C VAL C 77 -15.37 18.29 -15.08
N ARG C 78 -16.08 18.77 -14.05
CA ARG C 78 -16.42 17.89 -12.89
C ARG C 78 -17.44 16.84 -13.32
N GLN C 79 -18.20 17.07 -14.39
CA GLN C 79 -19.35 16.21 -14.74
C GLN C 79 -19.01 15.38 -15.96
N VAL C 80 -18.93 14.07 -15.82
CA VAL C 80 -18.49 13.18 -16.93
C VAL C 80 -19.40 13.35 -18.13
N PRO C 81 -20.75 13.43 -17.99
CA PRO C 81 -21.59 13.70 -19.16
C PRO C 81 -21.22 14.98 -19.94
N GLU C 82 -20.84 16.06 -19.26
CA GLU C 82 -20.40 17.35 -19.86
C GLU C 82 -19.04 17.15 -20.59
N ILE C 83 -18.17 16.29 -20.05
CA ILE C 83 -16.90 15.91 -20.71
C ILE C 83 -17.20 15.17 -22.00
N VAL C 84 -18.08 14.16 -21.97
CA VAL C 84 -18.46 13.38 -23.18
C VAL C 84 -18.98 14.36 -24.25
N ARG C 85 -19.88 15.26 -23.86
CA ARG C 85 -20.47 16.24 -24.80
C ARG C 85 -19.38 17.17 -25.36
N LEU C 86 -18.52 17.74 -24.49
CA LEU C 86 -17.37 18.58 -24.91
C LEU C 86 -16.58 17.90 -26.04
N PHE C 87 -16.22 16.62 -25.90
CA PHE C 87 -15.38 15.92 -26.90
C PHE C 87 -16.21 15.64 -28.15
N ASP C 88 -17.45 15.19 -28.00
CA ASP C 88 -18.38 14.96 -29.14
C ASP C 88 -18.54 16.26 -29.95
N GLU C 89 -18.74 17.40 -29.27
CA GLU C 89 -18.95 18.72 -29.94
C GLU C 89 -17.64 19.14 -30.64
N ALA C 90 -16.47 18.84 -30.05
CA ALA C 90 -15.16 19.20 -30.64
C ALA C 90 -14.98 18.45 -31.96
N VAL C 91 -15.23 17.15 -31.97
CA VAL C 91 -15.05 16.29 -33.15
C VAL C 91 -16.13 16.65 -34.19
N ALA C 92 -17.37 16.91 -33.76
CA ALA C 92 -18.43 17.35 -34.70
C ALA C 92 -17.99 18.65 -35.41
N HIS C 93 -17.42 19.61 -34.69
CA HIS C 93 -17.08 20.92 -35.28
C HIS C 93 -15.84 20.82 -36.17
N PHE C 94 -14.72 20.22 -35.73
CA PHE C 94 -13.45 20.29 -36.51
C PHE C 94 -13.19 18.99 -37.27
N GLY C 95 -13.97 17.94 -37.07
CA GLY C 95 -13.86 16.70 -37.85
C GLY C 95 -13.02 15.66 -37.14
N GLN C 96 -12.22 16.07 -36.16
CA GLN C 96 -11.16 15.19 -35.59
C GLN C 96 -10.58 15.90 -34.37
N LEU C 97 -9.85 15.14 -33.54
CA LEU C 97 -9.06 15.75 -32.45
C LEU C 97 -7.71 15.00 -32.39
N ASP C 98 -6.62 15.75 -32.24
CA ASP C 98 -5.27 15.13 -32.23
C ASP C 98 -4.66 15.30 -30.83
N ILE C 99 -5.01 16.38 -30.15
CA ILE C 99 -4.33 16.90 -28.93
C ILE C 99 -5.39 17.21 -27.89
N ALA C 100 -5.28 16.64 -26.68
CA ALA C 100 -6.17 16.96 -25.55
C ALA C 100 -5.27 17.41 -24.39
N VAL C 101 -5.47 18.63 -23.92
CA VAL C 101 -4.78 19.20 -22.74
C VAL C 101 -5.79 19.37 -21.62
N SER C 102 -5.63 18.54 -20.61
CA SER C 102 -6.39 18.59 -19.35
C SER C 102 -5.68 19.59 -18.42
N ASN C 103 -6.26 20.78 -18.24
CA ASN C 103 -5.65 21.93 -17.52
C ASN C 103 -6.51 22.39 -16.34
N SER C 104 -7.84 22.34 -16.45
CA SER C 104 -8.73 22.88 -15.39
C SER C 104 -8.33 22.36 -14.02
N GLY C 105 -8.31 23.27 -13.04
CA GLY C 105 -8.02 22.94 -11.65
C GLY C 105 -8.40 24.05 -10.70
N VAL C 106 -8.47 23.70 -9.43
CA VAL C 106 -8.73 24.62 -8.30
C VAL C 106 -7.71 24.30 -7.22
N VAL C 107 -7.30 25.34 -6.51
CA VAL C 107 -6.34 25.26 -5.39
C VAL C 107 -7.11 25.26 -4.06
N SER C 108 -6.47 24.76 -3.01
CA SER C 108 -7.06 24.65 -1.66
C SER C 108 -5.92 24.70 -0.66
N PHE C 109 -6.15 25.33 0.47
CA PHE C 109 -5.24 25.36 1.62
C PHE C 109 -6.07 25.10 2.85
N GLY C 110 -5.50 24.32 3.76
CA GLY C 110 -6.03 24.12 5.11
C GLY C 110 -5.26 23.03 5.79
N HIS C 111 -5.01 23.17 7.09
CA HIS C 111 -4.42 22.11 7.92
C HIS C 111 -5.30 20.86 7.75
N LEU C 112 -4.70 19.67 7.74
CA LEU C 112 -5.44 18.38 7.71
C LEU C 112 -6.68 18.40 8.64
N LYS C 113 -6.51 18.90 9.87
CA LYS C 113 -7.52 18.82 10.96
C LYS C 113 -8.78 19.58 10.55
N ASP C 114 -8.68 20.57 9.64
CA ASP C 114 -9.80 21.46 9.27
C ASP C 114 -10.45 21.04 7.95
N VAL C 115 -9.88 20.07 7.24
CA VAL C 115 -10.36 19.74 5.87
C VAL C 115 -11.68 19.00 6.00
N THR C 116 -12.69 19.48 5.29
CA THR C 116 -14.03 18.90 5.36
C THR C 116 -14.24 17.91 4.22
N GLU C 117 -15.27 17.09 4.32
CA GLU C 117 -15.71 16.23 3.21
C GLU C 117 -16.00 17.08 1.98
N GLU C 118 -16.70 18.20 2.18
CA GLU C 118 -17.15 19.07 1.05
C GLU C 118 -15.92 19.62 0.29
N GLU C 119 -14.87 20.03 1.00
CA GLU C 119 -13.66 20.65 0.40
C GLU C 119 -12.84 19.53 -0.28
N PHE C 120 -12.71 18.36 0.34
CA PHE C 120 -12.05 17.19 -0.30
C PHE C 120 -12.72 16.94 -1.64
N ASP C 121 -14.05 16.90 -1.66
CA ASP C 121 -14.83 16.57 -2.88
C ASP C 121 -14.73 17.71 -3.90
N ARG C 122 -14.75 18.97 -3.46
CA ARG C 122 -14.63 20.10 -4.40
C ARG C 122 -13.32 20.00 -5.20
N VAL C 123 -12.24 19.66 -4.51
CA VAL C 123 -10.87 19.63 -5.12
C VAL C 123 -10.71 18.37 -5.98
N PHE C 124 -10.97 17.18 -5.42
CA PHE C 124 -10.75 15.92 -6.18
C PHE C 124 -11.71 15.83 -7.35
N SER C 125 -12.96 16.31 -7.24
CA SER C 125 -13.93 16.13 -8.37
C SER C 125 -13.37 16.74 -9.66
N LEU C 126 -12.69 17.91 -9.58
CA LEU C 126 -12.11 18.62 -10.75
C LEU C 126 -10.67 18.18 -11.01
N ASN C 127 -9.85 18.23 -9.98
CA ASN C 127 -8.37 18.10 -10.14
C ASN C 127 -8.02 16.66 -10.53
N THR C 128 -8.76 15.65 -10.06
CA THR C 128 -8.32 14.24 -10.11
C THR C 128 -9.32 13.44 -10.94
N ARG C 129 -10.55 13.37 -10.49
CA ARG C 129 -11.63 12.64 -11.18
C ARG C 129 -11.92 13.30 -12.52
N GLY C 130 -12.12 14.61 -12.54
CA GLY C 130 -12.30 15.38 -13.78
C GLY C 130 -11.21 15.08 -14.80
N GLN C 131 -9.95 15.25 -14.39
CA GLN C 131 -8.82 15.02 -15.32
C GLN C 131 -8.89 13.57 -15.82
N PHE C 132 -9.10 12.59 -14.94
CA PHE C 132 -9.13 11.16 -15.30
C PHE C 132 -10.09 10.99 -16.47
N PHE C 133 -11.30 11.55 -16.37
CA PHE C 133 -12.36 11.32 -17.37
C PHE C 133 -12.14 12.16 -18.64
N VAL C 134 -11.44 13.28 -18.54
CA VAL C 134 -10.97 14.06 -19.71
C VAL C 134 -9.99 13.18 -20.48
N ALA C 135 -9.07 12.51 -19.77
CA ALA C 135 -8.13 11.56 -20.42
C ALA C 135 -8.93 10.42 -21.08
N ARG C 136 -9.89 9.84 -20.35
CA ARG C 136 -10.70 8.72 -20.89
C ARG C 136 -11.32 9.15 -22.24
N GLU C 137 -12.01 10.30 -22.26
CA GLU C 137 -12.76 10.72 -23.47
C GLU C 137 -11.79 11.16 -24.57
N ALA C 138 -10.62 11.70 -24.18
CA ALA C 138 -9.52 12.01 -25.11
C ALA C 138 -9.10 10.74 -25.81
N TYR C 139 -8.78 9.67 -25.07
CA TYR C 139 -8.37 8.41 -25.67
C TYR C 139 -9.42 7.96 -26.70
N LYS C 140 -10.69 7.99 -26.29
CA LYS C 140 -11.82 7.50 -27.13
C LYS C 140 -12.02 8.34 -28.38
N HIS C 141 -11.66 9.61 -28.38
CA HIS C 141 -11.97 10.56 -29.51
C HIS C 141 -10.72 10.83 -30.35
N LEU C 142 -9.51 10.64 -29.80
CA LEU C 142 -8.29 11.10 -30.53
C LEU C 142 -7.98 10.23 -31.75
N ASN C 143 -7.47 10.87 -32.79
CA ASN C 143 -6.71 10.22 -33.88
C ASN C 143 -5.53 9.41 -33.33
N ASN C 144 -5.21 8.31 -33.99
CA ASN C 144 -3.95 7.54 -33.76
C ASN C 144 -2.78 8.52 -33.86
N GLY C 145 -1.76 8.37 -33.00
CA GLY C 145 -0.59 9.27 -33.07
C GLY C 145 -0.82 10.58 -32.36
N GLY C 146 -1.89 10.70 -31.58
CA GLY C 146 -2.22 11.96 -30.90
C GLY C 146 -1.52 12.11 -29.55
N ARG C 147 -2.00 13.08 -28.79
CA ARG C 147 -1.31 13.60 -27.58
C ARG C 147 -2.35 13.89 -26.48
N ILE C 148 -2.08 13.39 -25.27
CA ILE C 148 -2.79 13.79 -24.05
C ILE C 148 -1.78 14.43 -23.09
N ILE C 149 -2.15 15.58 -22.56
CA ILE C 149 -1.37 16.32 -21.52
C ILE C 149 -2.28 16.48 -20.33
N MET C 150 -1.74 16.18 -19.16
CA MET C 150 -2.48 16.40 -17.91
C MET C 150 -1.70 17.41 -17.06
N THR C 151 -2.38 18.08 -16.15
CA THR C 151 -1.71 19.13 -15.37
C THR C 151 -1.52 18.71 -13.90
N SER C 152 -0.27 18.68 -13.49
CA SER C 152 0.09 18.33 -12.11
C SER C 152 0.52 19.62 -11.37
N SER C 153 1.50 19.51 -10.50
CA SER C 153 2.01 20.66 -9.72
C SER C 153 3.35 20.25 -9.10
N ASN C 154 4.25 21.21 -8.99
CA ASN C 154 5.51 20.91 -8.30
C ASN C 154 5.22 20.58 -6.84
N THR C 155 4.01 20.86 -6.35
CA THR C 155 3.60 20.49 -4.98
C THR C 155 3.32 18.99 -4.86
N SER C 156 3.17 18.22 -5.94
CA SER C 156 2.83 16.78 -5.82
C SER C 156 4.01 16.00 -5.19
N ARG C 157 5.25 16.28 -5.61
CA ARG C 157 6.48 15.52 -5.19
C ARG C 157 7.62 16.49 -4.82
N ASP C 158 7.82 17.61 -5.52
CA ASP C 158 9.10 18.40 -5.40
C ASP C 158 9.10 19.34 -4.17
N PHE C 159 7.98 19.96 -3.89
N PHE C 159 7.94 19.90 -3.79
CA PHE C 159 7.86 20.90 -2.75
CA PHE C 159 7.77 21.09 -2.91
C PHE C 159 6.77 20.37 -1.83
C PHE C 159 6.67 20.78 -1.87
N SER C 160 7.02 20.61 -0.56
CA SER C 160 6.10 20.19 0.53
C SER C 160 5.67 21.43 1.33
N VAL C 161 4.48 21.95 1.05
CA VAL C 161 4.01 23.24 1.63
C VAL C 161 3.08 22.90 2.78
N PRO C 162 3.25 23.50 3.98
CA PRO C 162 2.26 23.31 5.05
C PRO C 162 0.84 23.64 4.58
N LYS C 163 -0.11 22.86 5.09
CA LYS C 163 -1.57 23.07 4.94
C LYS C 163 -1.96 22.89 3.49
N HIS C 164 -1.18 22.13 2.73
CA HIS C 164 -1.42 21.97 1.29
C HIS C 164 -1.68 20.49 0.93
N SER C 165 -2.12 19.65 1.88
CA SER C 165 -2.18 18.16 1.66
C SER C 165 -3.22 17.79 0.62
N LEU C 166 -4.40 18.40 0.67
CA LEU C 166 -5.53 18.02 -0.18
C LEU C 166 -5.16 18.27 -1.64
N TYR C 167 -4.67 19.48 -1.95
CA TYR C 167 -4.30 19.89 -3.32
C TYR C 167 -3.12 19.01 -3.80
N SER C 168 -2.09 18.89 -2.97
CA SER C 168 -0.84 18.16 -3.31
C SER C 168 -1.23 16.72 -3.69
N GLY C 169 -2.09 16.08 -2.89
CA GLY C 169 -2.59 14.72 -3.19
C GLY C 169 -3.40 14.67 -4.47
N SER C 170 -4.26 15.65 -4.73
CA SER C 170 -5.07 15.72 -5.95
C SER C 170 -4.14 15.64 -7.18
N LYS C 171 -2.93 16.23 -7.08
CA LYS C 171 -1.98 16.27 -8.23
C LYS C 171 -1.10 15.01 -8.23
N GLY C 172 -0.76 14.47 -7.07
CA GLY C 172 0.05 13.23 -7.04
C GLY C 172 -0.67 12.09 -7.74
N ALA C 173 -1.99 12.03 -7.67
CA ALA C 173 -2.77 11.02 -8.41
C ALA C 173 -2.47 11.18 -9.91
N ILE C 174 -2.41 12.42 -10.42
CA ILE C 174 -2.19 12.72 -11.87
C ILE C 174 -0.85 12.11 -12.30
N ASP C 175 0.18 12.29 -11.48
CA ASP C 175 1.52 11.78 -11.82
C ASP C 175 1.44 10.28 -12.09
N SER C 176 0.76 9.52 -11.25
CA SER C 176 0.60 8.05 -11.38
C SER C 176 -0.26 7.74 -12.62
N PHE C 177 -1.34 8.49 -12.81
CA PHE C 177 -2.21 8.26 -13.98
C PHE C 177 -1.39 8.32 -15.27
N VAL C 178 -0.56 9.37 -15.46
CA VAL C 178 0.07 9.57 -16.78
C VAL C 178 1.01 8.39 -17.09
N ARG C 179 1.70 7.86 -16.08
CA ARG C 179 2.64 6.75 -16.32
C ARG C 179 1.86 5.56 -16.87
N ILE C 180 0.74 5.21 -16.25
CA ILE C 180 -0.03 4.01 -16.67
C ILE C 180 -0.82 4.33 -17.95
N PHE C 181 -1.36 5.54 -18.07
CA PHE C 181 -2.06 5.98 -19.29
C PHE C 181 -1.17 5.82 -20.52
N SER C 182 0.14 6.09 -20.37
CA SER C 182 1.09 5.94 -21.51
C SER C 182 1.07 4.48 -21.99
N LYS C 183 0.96 3.52 -21.10
CA LYS C 183 0.88 2.09 -21.50
C LYS C 183 -0.43 1.82 -22.23
N ASP C 184 -1.57 2.18 -21.65
CA ASP C 184 -2.90 1.87 -22.21
C ASP C 184 -3.04 2.57 -23.57
N CYS C 185 -2.64 3.84 -23.63
CA CYS C 185 -2.87 4.71 -24.81
C CYS C 185 -1.91 4.38 -25.96
N GLY C 186 -0.85 3.61 -25.71
CA GLY C 186 0.09 3.14 -26.74
C GLY C 186 -0.62 2.32 -27.81
N ASP C 187 -1.78 1.75 -27.51
CA ASP C 187 -2.45 0.91 -28.54
C ASP C 187 -3.07 1.80 -29.64
N LYS C 188 -3.10 3.13 -29.48
CA LYS C 188 -3.42 4.13 -30.53
C LYS C 188 -2.22 5.05 -30.82
N LYS C 189 -1.03 4.68 -30.34
CA LYS C 189 0.21 5.48 -30.53
C LYS C 189 -0.04 6.91 -30.01
N ILE C 190 -0.78 7.03 -28.91
CA ILE C 190 -1.01 8.32 -28.24
C ILE C 190 -0.01 8.41 -27.10
N THR C 191 0.72 9.49 -27.03
CA THR C 191 1.62 9.70 -25.87
C THR C 191 0.85 10.45 -24.80
N VAL C 192 1.22 10.23 -23.55
CA VAL C 192 0.56 10.85 -22.39
C VAL C 192 1.64 11.37 -21.44
N ASN C 193 1.60 12.66 -21.15
CA ASN C 193 2.57 13.29 -20.22
C ASN C 193 1.82 14.24 -19.32
N ALA C 194 2.47 14.69 -18.26
CA ALA C 194 1.96 15.81 -17.46
C ALA C 194 2.99 16.94 -17.47
N VAL C 195 2.48 18.15 -17.29
CA VAL C 195 3.33 19.29 -16.85
C VAL C 195 2.99 19.62 -15.41
N ALA C 196 4.03 19.87 -14.63
CA ALA C 196 3.95 20.18 -13.19
C ALA C 196 4.53 21.58 -13.02
N PRO C 197 3.71 22.64 -13.20
CA PRO C 197 4.22 24.00 -13.01
C PRO C 197 4.66 24.29 -11.58
N GLY C 198 5.64 25.19 -11.42
CA GLY C 198 5.85 25.91 -10.17
C GLY C 198 4.88 27.10 -10.10
N GLY C 199 5.17 28.05 -9.21
CA GLY C 199 4.42 29.32 -9.11
C GLY C 199 4.39 30.03 -10.44
N THR C 200 3.22 30.11 -11.04
CA THR C 200 2.97 30.73 -12.35
C THR C 200 1.95 31.86 -12.17
N VAL C 201 2.29 33.06 -12.62
CA VAL C 201 1.46 34.27 -12.34
C VAL C 201 0.13 34.20 -13.10
N THR C 202 -0.93 34.01 -12.33
CA THR C 202 -2.34 33.75 -12.77
C THR C 202 -3.24 34.24 -11.64
N ASP C 203 -4.55 34.24 -11.88
CA ASP C 203 -5.59 34.43 -10.85
C ASP C 203 -5.36 33.46 -9.67
N MET C 204 -5.12 32.17 -9.95
CA MET C 204 -4.84 31.20 -8.87
C MET C 204 -3.65 31.68 -8.04
N PHE C 205 -2.54 32.04 -8.66
CA PHE C 205 -1.31 32.49 -7.97
C PHE C 205 -1.67 33.58 -6.94
N HIS C 206 -2.38 34.59 -7.40
CA HIS C 206 -2.76 35.79 -6.59
C HIS C 206 -3.69 35.36 -5.45
N ASP C 207 -4.58 34.40 -5.71
CA ASP C 207 -5.55 33.87 -4.72
C ASP C 207 -4.80 33.30 -3.52
N VAL C 208 -3.66 32.63 -3.72
CA VAL C 208 -3.07 31.84 -2.60
C VAL C 208 -1.61 32.19 -2.33
N SER C 209 -0.99 33.17 -2.99
CA SER C 209 0.45 33.40 -2.78
C SER C 209 0.75 33.60 -1.28
N GLN C 210 -0.17 34.19 -0.51
CA GLN C 210 0.02 34.38 0.96
C GLN C 210 0.34 33.05 1.64
N HIS C 211 -0.14 31.91 1.13
CA HIS C 211 0.02 30.59 1.82
C HIS C 211 1.35 29.92 1.45
N TYR C 212 2.03 30.37 0.38
CA TYR C 212 3.32 29.78 -0.07
C TYR C 212 4.52 30.51 0.52
N ILE C 213 4.32 31.79 0.83
CA ILE C 213 5.41 32.66 1.35
C ILE C 213 5.29 32.76 2.87
N PRO C 214 6.40 32.57 3.56
CA PRO C 214 6.49 32.66 5.02
C PRO C 214 5.94 34.03 5.45
N ASN C 215 4.95 34.04 6.34
CA ASN C 215 4.20 35.24 6.81
C ASN C 215 3.69 36.01 5.59
N GLY C 216 3.09 35.28 4.64
CA GLY C 216 2.62 35.92 3.40
C GLY C 216 1.53 36.95 3.62
N GLU C 217 0.68 36.75 4.62
CA GLU C 217 -0.47 37.65 4.85
C GLU C 217 -0.03 39.09 5.17
N THR C 218 1.18 39.21 5.68
CA THR C 218 1.85 40.46 6.09
C THR C 218 2.36 41.28 4.89
N TYR C 219 2.22 40.83 3.64
CA TYR C 219 2.72 41.60 2.48
C TYR C 219 1.64 41.82 1.43
N THR C 220 1.90 42.70 0.48
CA THR C 220 0.98 43.02 -0.65
C THR C 220 1.01 41.87 -1.67
N PRO C 221 -0.01 41.75 -2.51
CA PRO C 221 -0.02 40.73 -3.55
C PRO C 221 1.20 40.96 -4.45
N GLU C 222 1.48 42.21 -4.78
CA GLU C 222 2.62 42.58 -5.65
C GLU C 222 3.94 42.18 -4.95
N GLU C 223 4.10 42.46 -3.65
CA GLU C 223 5.32 42.08 -2.90
C GLU C 223 5.45 40.54 -2.89
N ARG C 224 4.33 39.83 -2.73
CA ARG C 224 4.38 38.35 -2.69
C ARG C 224 4.89 37.83 -4.04
N GLN C 225 4.41 38.44 -5.12
CA GLN C 225 4.85 38.07 -6.48
C GLN C 225 6.37 38.27 -6.60
N LYS C 226 6.88 39.43 -6.13
CA LYS C 226 8.34 39.75 -6.22
C LYS C 226 9.13 38.74 -5.38
N MET C 227 8.63 38.32 -4.24
CA MET C 227 9.34 37.31 -3.39
C MET C 227 9.38 35.93 -4.06
N ALA C 228 8.29 35.54 -4.74
CA ALA C 228 8.19 34.25 -5.48
C ALA C 228 9.18 34.25 -6.65
N ALA C 229 9.50 35.42 -7.21
CA ALA C 229 10.47 35.59 -8.33
C ALA C 229 11.86 35.10 -7.91
N HIS C 230 12.19 35.12 -6.61
CA HIS C 230 13.52 34.69 -6.10
C HIS C 230 13.58 33.17 -5.88
N ALA C 231 12.48 32.43 -6.06
CA ALA C 231 12.48 30.95 -5.91
C ALA C 231 13.41 30.34 -6.96
N SER C 232 13.28 30.78 -8.22
CA SER C 232 14.14 30.35 -9.34
C SER C 232 15.53 31.00 -9.22
N PRO C 233 16.61 30.27 -9.55
CA PRO C 233 17.94 30.85 -9.72
C PRO C 233 18.00 31.82 -10.89
N LEU C 234 16.95 31.88 -11.73
CA LEU C 234 16.89 32.84 -12.86
C LEU C 234 16.27 34.16 -12.39
N HIS C 235 15.79 34.21 -11.15
CA HIS C 235 15.36 35.47 -10.48
C HIS C 235 14.21 36.13 -11.26
N ARG C 236 13.24 35.33 -11.67
CA ARG C 236 11.98 35.86 -12.22
C ARG C 236 10.87 34.87 -11.89
N ASN C 237 9.65 35.35 -11.96
CA ASN C 237 8.44 34.50 -11.86
C ASN C 237 8.37 33.55 -13.04
N GLY C 238 7.69 32.43 -12.81
CA GLY C 238 7.03 31.64 -13.85
C GLY C 238 5.83 32.39 -14.39
N PHE C 239 5.59 32.26 -15.69
CA PHE C 239 4.44 32.82 -16.40
C PHE C 239 3.76 31.77 -17.25
N PRO C 240 2.47 31.98 -17.57
CA PRO C 240 1.73 31.02 -18.38
C PRO C 240 2.48 30.56 -19.64
N GLU C 241 3.10 31.48 -20.36
CA GLU C 241 3.88 31.17 -21.59
C GLU C 241 4.95 30.10 -21.30
N ASP C 242 5.60 30.17 -20.13
CA ASP C 242 6.70 29.23 -19.79
C ASP C 242 6.15 27.80 -19.87
N ILE C 243 4.90 27.64 -19.43
CA ILE C 243 4.25 26.31 -19.32
C ILE C 243 3.74 25.95 -20.72
N ALA C 244 3.09 26.90 -21.42
CA ALA C 244 2.60 26.67 -22.80
C ALA C 244 3.73 26.18 -23.70
N ARG C 245 4.95 26.74 -23.56
CA ARG C 245 6.09 26.38 -24.42
C ARG C 245 6.40 24.89 -24.26
N VAL C 246 6.35 24.39 -23.02
CA VAL C 246 6.68 22.95 -22.81
C VAL C 246 5.57 22.08 -23.38
N VAL C 247 4.32 22.46 -23.13
CA VAL C 247 3.17 21.70 -23.68
C VAL C 247 3.31 21.68 -25.20
N GLY C 248 3.62 22.81 -25.83
CA GLY C 248 3.82 22.86 -27.29
C GLY C 248 4.87 21.87 -27.78
N PHE C 249 5.99 21.74 -27.10
CA PHE C 249 7.02 20.75 -27.51
C PHE C 249 6.46 19.32 -27.34
N LEU C 250 5.84 19.03 -26.21
CA LEU C 250 5.33 17.66 -25.92
C LEU C 250 4.32 17.20 -26.97
N VAL C 251 3.45 18.10 -27.44
CA VAL C 251 2.33 17.72 -28.35
C VAL C 251 2.78 17.78 -29.82
N SER C 252 4.02 18.23 -30.07
CA SER C 252 4.62 18.20 -31.43
C SER C 252 4.97 16.76 -31.84
N ALA C 253 5.14 16.49 -33.12
CA ALA C 253 5.75 15.21 -33.59
C ALA C 253 7.09 14.98 -32.88
N GLU C 254 7.90 16.00 -32.76
CA GLU C 254 9.28 15.91 -32.25
C GLU C 254 9.29 15.53 -30.76
N GLY C 255 8.19 15.73 -30.04
CA GLY C 255 8.10 15.43 -28.60
C GLY C 255 7.79 13.97 -28.34
N GLU C 256 7.62 13.14 -29.39
CA GLU C 256 7.05 11.78 -29.26
C GLU C 256 7.80 10.97 -28.20
N TRP C 257 9.12 11.09 -28.13
CA TRP C 257 9.95 10.16 -27.33
C TRP C 257 9.92 10.58 -25.85
N ILE C 258 9.29 11.71 -25.50
CA ILE C 258 8.87 11.94 -24.08
C ILE C 258 7.46 11.36 -23.94
N ASN C 259 7.32 10.29 -23.17
CA ASN C 259 6.05 9.53 -23.03
C ASN C 259 5.99 8.93 -21.63
N GLY C 260 4.86 9.13 -20.94
CA GLY C 260 4.59 8.66 -19.61
C GLY C 260 5.35 9.48 -18.58
N LYS C 261 5.69 10.75 -18.87
CA LYS C 261 6.57 11.52 -17.96
C LYS C 261 5.81 12.71 -17.35
N VAL C 262 6.30 13.17 -16.20
CA VAL C 262 5.83 14.42 -15.57
C VAL C 262 7.01 15.37 -15.63
N LEU C 263 6.85 16.45 -16.37
CA LEU C 263 7.92 17.46 -16.50
C LEU C 263 7.62 18.59 -15.51
N THR C 264 8.53 18.84 -14.57
CA THR C 264 8.39 19.95 -13.61
C THR C 264 8.96 21.19 -14.29
N VAL C 265 8.13 22.21 -14.38
CA VAL C 265 8.42 23.45 -15.15
C VAL C 265 8.35 24.62 -14.17
N ASP C 266 9.44 24.86 -13.43
CA ASP C 266 9.45 25.84 -12.32
C ASP C 266 10.70 26.73 -12.34
N GLY C 267 11.43 26.78 -13.46
CA GLY C 267 12.67 27.54 -13.61
C GLY C 267 13.77 27.13 -12.65
N GLY C 268 13.71 25.93 -12.10
CA GLY C 268 14.73 25.41 -11.15
C GLY C 268 14.46 25.83 -9.73
N ALA C 269 13.22 26.18 -9.37
CA ALA C 269 12.83 26.67 -8.04
C ALA C 269 13.37 25.78 -6.91
N ALA C 270 13.65 26.48 -5.80
CA ALA C 270 14.04 26.01 -4.47
C ALA C 270 13.11 26.68 -3.45
N THR D 7 2.60 -16.83 26.05
CA THR D 7 2.74 -15.64 26.95
C THR D 7 4.07 -15.75 27.72
N GLN D 8 4.62 -16.97 27.84
CA GLN D 8 5.94 -17.21 28.47
C GLN D 8 7.04 -16.49 27.68
N ASP D 9 6.74 -15.88 26.52
CA ASP D 9 7.78 -15.21 25.69
C ASP D 9 7.42 -13.74 25.48
N LEU D 10 8.28 -12.83 25.92
CA LEU D 10 8.22 -11.39 25.57
C LEU D 10 9.08 -11.23 24.32
N HIS D 11 8.50 -10.72 23.25
CA HIS D 11 9.19 -10.59 21.95
C HIS D 11 10.22 -9.45 22.01
N ILE D 12 11.47 -9.76 21.68
CA ILE D 12 12.60 -8.79 21.60
C ILE D 12 12.95 -8.62 20.13
N PRO D 13 12.53 -7.53 19.47
CA PRO D 13 12.71 -7.44 18.03
C PRO D 13 14.14 -7.01 17.64
N GLY D 14 14.57 -7.42 16.44
CA GLY D 14 15.70 -6.78 15.72
C GLY D 14 17.06 -7.16 16.27
N ARG D 15 17.19 -8.27 16.99
CA ARG D 15 18.49 -8.64 17.60
C ARG D 15 19.45 -9.15 16.54
N LEU D 16 20.76 -9.00 16.79
CA LEU D 16 21.87 -9.41 15.91
C LEU D 16 22.83 -10.36 16.67
N ASP D 17 22.36 -11.01 17.72
CA ASP D 17 23.19 -12.01 18.47
C ASP D 17 23.75 -13.03 17.49
N GLY D 18 25.05 -13.31 17.58
CA GLY D 18 25.71 -14.31 16.74
C GLY D 18 26.16 -13.72 15.41
N LYS D 19 25.86 -12.44 15.12
CA LYS D 19 26.25 -11.80 13.84
C LYS D 19 27.50 -10.95 14.08
N VAL D 20 28.28 -10.76 13.03
CA VAL D 20 29.49 -9.89 13.03
C VAL D 20 29.25 -8.77 12.02
N ALA D 21 29.43 -7.54 12.47
CA ALA D 21 29.29 -6.31 11.65
C ALA D 21 30.65 -5.63 11.49
N LEU D 22 30.85 -4.96 10.36
CA LEU D 22 31.98 -4.06 10.11
C LEU D 22 31.39 -2.71 9.74
N VAL D 23 31.91 -1.62 10.29
CA VAL D 23 31.44 -0.25 9.92
C VAL D 23 32.65 0.60 9.54
N THR D 24 32.69 1.14 8.34
CA THR D 24 33.82 2.01 7.93
C THR D 24 33.66 3.34 8.65
N GLY D 25 34.78 3.92 9.11
CA GLY D 25 34.80 5.25 9.71
C GLY D 25 33.93 5.28 10.94
N SER D 26 34.06 4.28 11.82
CA SER D 26 33.20 4.16 13.01
C SER D 26 33.89 4.66 14.30
N GLY D 27 35.04 5.32 14.20
CA GLY D 27 35.61 6.02 15.36
C GLY D 27 34.82 7.22 15.80
N ARG D 28 34.17 7.94 14.87
CA ARG D 28 33.47 9.21 15.16
C ARG D 28 32.10 9.27 14.48
N GLY D 29 31.26 10.20 14.93
CA GLY D 29 30.06 10.68 14.23
C GLY D 29 29.03 9.57 14.02
N ILE D 30 28.45 9.53 12.83
CA ILE D 30 27.37 8.56 12.55
C ILE D 30 27.94 7.15 12.64
N GLY D 31 29.12 6.90 12.09
CA GLY D 31 29.66 5.52 12.07
C GLY D 31 29.80 5.01 13.49
N ALA D 32 30.25 5.87 14.39
CA ALA D 32 30.45 5.47 15.82
C ALA D 32 29.10 5.04 16.41
N ALA D 33 28.06 5.86 16.20
CA ALA D 33 26.72 5.60 16.76
C ALA D 33 26.16 4.32 16.12
N VAL D 34 26.46 4.04 14.85
CA VAL D 34 26.04 2.76 14.18
C VAL D 34 26.74 1.59 14.87
N ALA D 35 28.05 1.69 15.04
CA ALA D 35 28.87 0.63 15.66
C ALA D 35 28.34 0.33 17.07
N VAL D 36 28.05 1.32 17.88
CA VAL D 36 27.55 1.14 19.28
C VAL D 36 26.16 0.50 19.24
N HIS D 37 25.29 0.99 18.34
CA HIS D 37 23.91 0.48 18.19
C HIS D 37 23.94 -0.99 17.76
N LEU D 38 24.77 -1.37 16.81
CA LEU D 38 24.85 -2.79 16.38
C LEU D 38 25.37 -3.65 17.55
N GLY D 39 26.36 -3.16 18.33
CA GLY D 39 26.82 -3.85 19.56
C GLY D 39 25.68 -4.03 20.55
N LEU D 40 24.93 -2.96 20.81
CA LEU D 40 23.77 -2.95 21.72
C LEU D 40 22.77 -4.04 21.32
N LEU D 41 22.61 -4.26 20.03
CA LEU D 41 21.65 -5.26 19.49
C LEU D 41 22.25 -6.65 19.48
N GLY D 42 23.53 -6.82 19.86
CA GLY D 42 24.11 -8.16 20.01
C GLY D 42 25.17 -8.50 19.00
N ALA D 43 25.48 -7.63 18.03
CA ALA D 43 26.51 -7.92 17.02
C ALA D 43 27.87 -7.73 17.68
N LYS D 44 28.86 -8.52 17.24
CA LYS D 44 30.30 -8.24 17.42
C LYS D 44 30.71 -7.28 16.29
N VAL D 45 31.58 -6.32 16.57
CA VAL D 45 31.76 -5.13 15.68
C VAL D 45 33.23 -4.89 15.36
N VAL D 46 33.53 -4.73 14.07
CA VAL D 46 34.84 -4.26 13.58
C VAL D 46 34.68 -2.76 13.37
N VAL D 47 35.38 -2.01 14.21
CA VAL D 47 35.45 -0.54 14.19
C VAL D 47 36.62 -0.13 13.31
N ASN D 48 36.33 0.50 12.17
CA ASN D 48 37.36 0.96 11.21
C ASN D 48 37.60 2.46 11.44
N TYR D 49 38.86 2.87 11.40
CA TYR D 49 39.30 4.28 11.40
C TYR D 49 40.47 4.43 10.42
N ALA D 50 40.79 5.69 10.05
CA ALA D 50 41.93 6.06 9.20
C ALA D 50 42.89 7.00 9.93
N ASN D 51 42.35 7.90 10.74
CA ASN D 51 43.06 9.05 11.33
C ASN D 51 42.83 9.15 12.85
N SER D 52 41.80 8.49 13.41
CA SER D 52 41.32 8.77 14.79
C SER D 52 41.37 7.52 15.69
N PRO D 53 42.56 6.97 15.98
CA PRO D 53 42.68 5.79 16.84
C PRO D 53 42.15 6.01 18.26
N THR D 54 42.23 7.23 18.80
CA THR D 54 41.75 7.56 20.17
C THR D 54 40.25 7.34 20.22
N HIS D 55 39.55 7.87 19.22
CA HIS D 55 38.07 7.76 19.12
C HIS D 55 37.68 6.30 18.89
N ALA D 56 38.37 5.58 18.01
CA ALA D 56 38.07 4.16 17.69
C ALA D 56 38.16 3.34 18.98
N GLN D 57 39.20 3.56 19.79
CA GLN D 57 39.34 2.88 21.11
C GLN D 57 38.11 3.13 22.00
N LYS D 58 37.58 4.35 22.07
CA LYS D 58 36.43 4.65 22.95
C LYS D 58 35.20 3.88 22.43
N VAL D 59 35.07 3.75 21.10
CA VAL D 59 33.89 3.04 20.52
C VAL D 59 34.02 1.57 20.88
N VAL D 60 35.20 1.01 20.67
CA VAL D 60 35.47 -0.42 21.03
C VAL D 60 35.11 -0.64 22.51
N ASP D 61 35.57 0.25 23.39
CA ASP D 61 35.34 0.13 24.86
C ASP D 61 33.85 0.22 25.17
N GLU D 62 33.14 1.15 24.52
CA GLU D 62 31.68 1.32 24.69
C GLU D 62 30.95 0.03 24.31
N ILE D 63 31.38 -0.66 23.26
CA ILE D 63 30.67 -1.89 22.77
C ILE D 63 30.93 -3.02 23.78
N LYS D 64 32.18 -3.18 24.23
CA LYS D 64 32.57 -4.22 25.24
C LYS D 64 31.78 -3.96 26.53
N GLN D 65 31.67 -2.70 26.92
CA GLN D 65 30.98 -2.25 28.16
C GLN D 65 29.50 -2.67 28.16
N LEU D 66 28.81 -2.70 27.01
CA LEU D 66 27.37 -3.05 26.99
C LEU D 66 27.24 -4.56 26.70
N GLY D 67 28.36 -5.29 26.66
CA GLY D 67 28.38 -6.76 26.75
C GLY D 67 28.58 -7.44 25.42
N SER D 68 29.01 -6.72 24.40
CA SER D 68 29.42 -7.38 23.14
C SER D 68 30.94 -7.31 23.03
N ASP D 69 31.49 -7.64 21.87
CA ASP D 69 32.94 -7.63 21.59
C ASP D 69 33.16 -6.76 20.35
N ALA D 70 34.35 -6.23 20.22
CA ALA D 70 34.73 -5.27 19.17
C ALA D 70 36.24 -5.25 19.05
N ILE D 71 36.73 -4.97 17.85
CA ILE D 71 38.14 -4.63 17.59
C ILE D 71 38.11 -3.43 16.66
N ALA D 72 39.18 -2.65 16.69
CA ALA D 72 39.43 -1.51 15.77
C ALA D 72 40.48 -1.94 14.76
N ILE D 73 40.28 -1.65 13.49
CA ILE D 73 41.24 -1.93 12.40
C ILE D 73 41.43 -0.63 11.59
N LYS D 74 42.67 -0.15 11.52
CA LYS D 74 43.07 1.01 10.73
C LYS D 74 43.04 0.61 9.26
N ALA D 75 42.35 1.38 8.42
CA ALA D 75 42.31 1.15 6.97
C ALA D 75 41.79 2.42 6.32
N ASP D 76 42.59 2.97 5.42
CA ASP D 76 42.25 4.14 4.60
C ASP D 76 41.39 3.64 3.42
N VAL D 77 40.08 3.87 3.47
CA VAL D 77 39.17 3.18 2.50
C VAL D 77 39.20 3.89 1.14
N ARG D 78 40.06 4.89 0.92
CA ARG D 78 40.37 5.37 -0.46
C ARG D 78 41.23 4.31 -1.16
N GLN D 79 41.97 3.48 -0.41
CA GLN D 79 42.93 2.50 -1.00
C GLN D 79 42.30 1.12 -1.04
N VAL D 80 42.04 0.63 -2.26
CA VAL D 80 41.37 -0.69 -2.43
C VAL D 80 42.18 -1.79 -1.74
N PRO D 81 43.54 -1.81 -1.84
CA PRO D 81 44.31 -2.84 -1.15
C PRO D 81 44.05 -2.85 0.36
N GLU D 82 43.84 -1.69 0.97
CA GLU D 82 43.56 -1.55 2.42
C GLU D 82 42.13 -2.01 2.71
N ILE D 83 41.19 -1.81 1.76
CA ILE D 83 39.83 -2.35 1.95
C ILE D 83 39.91 -3.87 1.97
N VAL D 84 40.65 -4.46 1.03
CA VAL D 84 40.76 -5.93 0.95
C VAL D 84 41.29 -6.43 2.30
N ARG D 85 42.31 -5.75 2.84
CA ARG D 85 42.98 -6.16 4.11
C ARG D 85 42.02 -5.99 5.29
N LEU D 86 41.33 -4.87 5.37
CA LEU D 86 40.28 -4.64 6.40
C LEU D 86 39.32 -5.84 6.46
N PHE D 87 38.77 -6.27 5.34
CA PHE D 87 37.75 -7.34 5.30
C PHE D 87 38.42 -8.68 5.65
N ASP D 88 39.62 -8.92 5.11
CA ASP D 88 40.40 -10.17 5.37
C ASP D 88 40.67 -10.25 6.87
N GLU D 89 41.13 -9.15 7.48
CA GLU D 89 41.42 -9.12 8.94
C GLU D 89 40.14 -9.30 9.75
N ALA D 90 39.02 -8.72 9.33
CA ALA D 90 37.73 -8.85 10.02
C ALA D 90 37.33 -10.32 10.13
N VAL D 91 37.38 -11.02 9.01
CA VAL D 91 36.96 -12.45 8.95
C VAL D 91 37.97 -13.34 9.72
N ALA D 92 39.26 -13.08 9.58
CA ALA D 92 40.32 -13.80 10.35
C ALA D 92 40.02 -13.66 11.84
N HIS D 93 39.71 -12.45 12.32
CA HIS D 93 39.51 -12.23 13.76
C HIS D 93 38.23 -12.89 14.26
N PHE D 94 37.07 -12.64 13.62
CA PHE D 94 35.76 -13.05 14.18
C PHE D 94 35.23 -14.34 13.55
N GLY D 95 35.83 -14.84 12.49
CA GLY D 95 35.47 -16.13 11.88
C GLY D 95 34.55 -15.95 10.68
N GLN D 96 33.79 -14.85 10.64
CA GLN D 96 32.76 -14.63 9.60
C GLN D 96 32.39 -13.14 9.57
N LEU D 97 31.61 -12.73 8.57
CA LEU D 97 31.08 -11.35 8.56
C LEU D 97 29.66 -11.42 7.99
N ASP D 98 28.72 -10.80 8.66
CA ASP D 98 27.30 -10.82 8.25
C ASP D 98 26.84 -9.44 7.74
N ILE D 99 27.42 -8.37 8.24
CA ILE D 99 26.88 -6.99 8.06
C ILE D 99 28.07 -6.10 7.74
N ALA D 100 27.98 -5.35 6.64
CA ALA D 100 28.99 -4.35 6.26
C ALA D 100 28.27 -3.02 6.08
N VAL D 101 28.67 -2.01 6.84
CA VAL D 101 28.13 -0.63 6.71
C VAL D 101 29.25 0.27 6.19
N SER D 102 29.07 0.75 4.96
CA SER D 102 29.94 1.75 4.30
C SER D 102 29.45 3.13 4.73
N ASN D 103 30.24 3.79 5.59
CA ASN D 103 29.86 5.03 6.30
C ASN D 103 30.87 6.15 6.01
N SER D 104 32.17 5.84 5.84
CA SER D 104 33.21 6.89 5.78
C SER D 104 32.85 7.92 4.69
N GLY D 105 33.09 9.19 4.94
CA GLY D 105 32.92 10.19 3.90
C GLY D 105 33.46 11.54 4.30
N VAL D 106 33.62 12.42 3.31
CA VAL D 106 34.07 13.82 3.50
C VAL D 106 33.06 14.72 2.83
N VAL D 107 32.86 15.91 3.38
CA VAL D 107 32.01 16.97 2.78
C VAL D 107 32.89 17.98 2.01
N SER D 108 32.27 18.70 1.10
CA SER D 108 32.94 19.71 0.25
C SER D 108 31.92 20.75 -0.13
N PHE D 109 32.35 21.99 -0.27
CA PHE D 109 31.53 23.12 -0.74
C PHE D 109 32.38 23.95 -1.67
N GLY D 110 31.78 24.37 -2.78
CA GLY D 110 32.48 25.16 -3.79
C GLY D 110 31.55 25.38 -4.97
N HIS D 111 31.47 26.61 -5.46
CA HIS D 111 30.77 26.92 -6.73
C HIS D 111 31.42 26.02 -7.78
N LEU D 112 30.64 25.49 -8.71
CA LEU D 112 31.18 24.74 -9.87
C LEU D 112 32.47 25.37 -10.41
N LYS D 113 32.46 26.67 -10.66
CA LYS D 113 33.57 27.39 -11.35
C LYS D 113 34.90 27.25 -10.59
N ASP D 114 34.88 27.00 -9.27
CA ASP D 114 36.07 26.97 -8.40
C ASP D 114 36.48 25.52 -8.09
N VAL D 115 35.75 24.51 -8.57
CA VAL D 115 36.10 23.13 -8.18
C VAL D 115 37.34 22.66 -8.97
N THR D 116 38.35 22.18 -8.29
CA THR D 116 39.58 21.69 -8.93
C THR D 116 39.50 20.19 -9.15
N GLU D 117 40.39 19.67 -10.01
CA GLU D 117 40.68 18.24 -10.17
C GLU D 117 40.99 17.63 -8.80
N GLU D 118 41.87 18.26 -8.03
CA GLU D 118 42.31 17.72 -6.72
C GLU D 118 41.10 17.57 -5.78
N GLU D 119 40.18 18.53 -5.77
CA GLU D 119 39.02 18.51 -4.86
C GLU D 119 38.05 17.42 -5.36
N PHE D 120 37.79 17.37 -6.67
CA PHE D 120 36.93 16.32 -7.26
C PHE D 120 37.45 14.95 -6.80
N ASP D 121 38.76 14.72 -6.96
CA ASP D 121 39.37 13.40 -6.66
C ASP D 121 39.34 13.14 -5.16
N ARG D 122 39.59 14.15 -4.32
CA ARG D 122 39.53 13.96 -2.85
C ARG D 122 38.15 13.43 -2.44
N VAL D 123 37.09 14.03 -2.99
CA VAL D 123 35.69 13.70 -2.61
C VAL D 123 35.27 12.34 -3.20
N PHE D 124 35.44 12.13 -4.49
CA PHE D 124 34.97 10.89 -5.16
C PHE D 124 35.78 9.69 -4.69
N SER D 125 37.09 9.85 -4.45
CA SER D 125 37.93 8.68 -4.08
C SER D 125 37.37 8.02 -2.82
N LEU D 126 36.86 8.80 -1.86
CA LEU D 126 36.34 8.21 -0.62
C LEU D 126 34.83 7.96 -0.75
N ASN D 127 34.08 8.97 -1.16
CA ASN D 127 32.60 8.97 -1.04
C ASN D 127 31.98 7.98 -2.02
N THR D 128 32.62 7.75 -3.16
CA THR D 128 31.97 7.05 -4.30
C THR D 128 32.78 5.82 -4.63
N ARG D 129 34.03 6.00 -5.00
CA ARG D 129 34.95 4.91 -5.37
C ARG D 129 35.23 4.04 -4.13
N GLY D 130 35.58 4.65 -3.00
CA GLY D 130 35.81 3.90 -1.75
C GLY D 130 34.58 3.08 -1.37
N GLN D 131 33.40 3.72 -1.35
CA GLN D 131 32.16 2.99 -0.97
C GLN D 131 31.94 1.83 -1.93
N PHE D 132 32.16 2.04 -3.23
CA PHE D 132 31.92 0.98 -4.23
C PHE D 132 32.74 -0.28 -3.87
N PHE D 133 34.02 -0.06 -3.57
CA PHE D 133 34.97 -1.18 -3.34
C PHE D 133 34.78 -1.74 -1.93
N VAL D 134 34.27 -0.94 -0.99
CA VAL D 134 33.82 -1.48 0.33
C VAL D 134 32.66 -2.46 0.07
N ALA D 135 31.70 -2.10 -0.79
CA ALA D 135 30.60 -2.99 -1.17
C ALA D 135 31.16 -4.25 -1.83
N ARG D 136 32.09 -4.07 -2.76
CA ARG D 136 32.69 -5.20 -3.54
C ARG D 136 33.27 -6.21 -2.54
N GLU D 137 34.11 -5.74 -1.62
CA GLU D 137 34.80 -6.64 -0.65
C GLU D 137 33.78 -7.23 0.32
N ALA D 138 32.77 -6.45 0.73
CA ALA D 138 31.67 -6.97 1.55
C ALA D 138 30.95 -8.13 0.82
N TYR D 139 30.53 -7.97 -0.43
CA TYR D 139 29.85 -9.07 -1.13
C TYR D 139 30.74 -10.32 -1.08
N LYS D 140 32.03 -10.13 -1.30
CA LYS D 140 33.01 -11.25 -1.44
C LYS D 140 33.27 -11.92 -0.09
N HIS D 141 33.15 -11.22 1.03
CA HIS D 141 33.42 -11.80 2.38
C HIS D 141 32.18 -12.16 3.18
N LEU D 142 31.00 -11.65 2.83
CA LEU D 142 29.81 -11.85 3.69
C LEU D 142 29.27 -13.29 3.63
N ASN D 143 28.72 -13.75 4.74
CA ASN D 143 27.83 -14.94 4.81
C ASN D 143 26.60 -14.72 3.93
N ASN D 144 26.10 -15.81 3.36
CA ASN D 144 24.76 -15.82 2.72
C ASN D 144 23.74 -15.25 3.71
N GLY D 145 22.82 -14.41 3.22
CA GLY D 145 21.77 -13.82 4.05
C GLY D 145 22.25 -12.60 4.82
N GLY D 146 23.43 -12.08 4.45
CA GLY D 146 24.01 -10.88 5.08
C GLY D 146 23.40 -9.57 4.60
N ARG D 147 24.04 -8.47 4.96
CA ARG D 147 23.52 -7.09 4.83
C ARG D 147 24.63 -6.14 4.42
N ILE D 148 24.41 -5.35 3.37
CA ILE D 148 25.31 -4.25 3.00
C ILE D 148 24.52 -2.94 3.15
N ILE D 149 25.11 -1.99 3.85
CA ILE D 149 24.53 -0.61 3.93
C ILE D 149 25.53 0.36 3.34
N MET D 150 25.03 1.33 2.57
CA MET D 150 25.87 2.41 2.06
C MET D 150 25.30 3.71 2.56
N THR D 151 26.11 4.77 2.55
CA THR D 151 25.69 6.05 3.14
C THR D 151 25.62 7.10 2.04
N SER D 152 24.41 7.61 1.84
CA SER D 152 24.13 8.65 0.85
C SER D 152 23.92 9.93 1.64
N SER D 153 23.01 10.78 1.21
CA SER D 153 22.73 12.08 1.85
C SER D 153 21.41 12.61 1.30
N ASN D 154 20.67 13.38 2.09
CA ASN D 154 19.43 14.00 1.56
C ASN D 154 19.78 15.02 0.47
N THR D 155 21.06 15.39 0.35
CA THR D 155 21.55 16.29 -0.73
C THR D 155 21.61 15.60 -2.10
N SER D 156 21.56 14.26 -2.19
CA SER D 156 21.65 13.56 -3.48
C SER D 156 20.43 13.89 -4.35
N ARG D 157 19.25 13.93 -3.76
CA ARG D 157 17.95 14.02 -4.50
C ARG D 157 17.00 15.03 -3.86
N ASP D 158 16.86 15.06 -2.53
CA ASP D 158 15.72 15.76 -1.87
C ASP D 158 16.01 17.27 -1.75
N PHE D 159 17.24 17.66 -1.45
CA PHE D 159 17.61 19.05 -1.09
C PHE D 159 18.76 19.50 -1.99
N SER D 160 18.59 20.71 -2.53
CA SER D 160 19.41 21.30 -3.60
C SER D 160 20.14 22.52 -3.03
N VAL D 161 21.33 22.34 -2.49
CA VAL D 161 22.11 23.37 -1.74
C VAL D 161 23.07 24.02 -2.73
N PRO D 162 23.12 25.36 -2.81
CA PRO D 162 24.10 26.01 -3.69
C PRO D 162 25.52 25.65 -3.25
N LYS D 163 26.41 25.52 -4.23
CA LYS D 163 27.86 25.29 -4.08
C LYS D 163 28.08 23.89 -3.51
N HIS D 164 27.14 22.97 -3.71
CA HIS D 164 27.25 21.62 -3.13
C HIS D 164 27.24 20.53 -4.22
N SER D 165 27.59 20.85 -5.45
CA SER D 165 27.44 19.95 -6.61
C SER D 165 28.34 18.73 -6.47
N LEU D 166 29.61 18.97 -6.14
CA LEU D 166 30.58 17.86 -6.08
C LEU D 166 30.11 16.80 -5.06
N TYR D 167 29.83 17.22 -3.82
CA TYR D 167 29.38 16.30 -2.74
C TYR D 167 28.05 15.65 -3.14
N SER D 168 27.08 16.42 -3.62
CA SER D 168 25.72 15.91 -3.95
C SER D 168 25.86 14.78 -4.99
N GLY D 169 26.71 14.98 -5.99
CA GLY D 169 26.99 14.01 -7.07
C GLY D 169 27.66 12.76 -6.54
N SER D 170 28.61 12.92 -5.60
CA SER D 170 29.32 11.78 -4.96
C SER D 170 28.29 10.85 -4.30
N LYS D 171 27.20 11.38 -3.75
CA LYS D 171 26.13 10.62 -3.05
C LYS D 171 25.06 10.12 -4.03
N GLY D 172 24.75 10.88 -5.07
CA GLY D 172 23.80 10.44 -6.11
C GLY D 172 24.29 9.13 -6.73
N ALA D 173 25.60 8.94 -6.93
CA ALA D 173 26.16 7.68 -7.48
C ALA D 173 25.75 6.54 -6.54
N ILE D 174 25.78 6.78 -5.23
CA ILE D 174 25.52 5.73 -4.22
C ILE D 174 24.08 5.23 -4.35
N ASP D 175 23.14 6.16 -4.51
CA ASP D 175 21.70 5.78 -4.66
C ASP D 175 21.54 4.80 -5.81
N SER D 176 22.22 5.06 -6.93
CA SER D 176 22.18 4.19 -8.13
C SER D 176 22.88 2.85 -7.85
N PHE D 177 24.04 2.88 -7.21
CA PHE D 177 24.76 1.63 -6.88
C PHE D 177 23.84 0.72 -6.09
N VAL D 178 23.14 1.24 -5.07
CA VAL D 178 22.45 0.28 -4.15
C VAL D 178 21.31 -0.43 -4.88
N ARG D 179 20.61 0.23 -5.77
CA ARG D 179 19.55 -0.43 -6.56
C ARG D 179 20.12 -1.60 -7.35
N ILE D 180 21.22 -1.41 -8.05
CA ILE D 180 21.78 -2.47 -8.92
C ILE D 180 22.49 -3.53 -8.05
N PHE D 181 23.21 -3.09 -7.02
CA PHE D 181 23.88 -4.01 -6.08
C PHE D 181 22.87 -5.00 -5.48
N SER D 182 21.65 -4.57 -5.18
CA SER D 182 20.59 -5.46 -4.62
C SER D 182 20.35 -6.63 -5.57
N LYS D 183 20.38 -6.38 -6.88
CA LYS D 183 20.23 -7.45 -7.92
C LYS D 183 21.45 -8.38 -7.91
N ASP D 184 22.66 -7.85 -7.93
CA ASP D 184 23.88 -8.67 -8.00
C ASP D 184 24.01 -9.49 -6.71
N CYS D 185 23.76 -8.87 -5.55
CA CYS D 185 24.02 -9.46 -4.21
C CYS D 185 22.91 -10.47 -3.84
N GLY D 186 21.82 -10.51 -4.60
CA GLY D 186 20.75 -11.52 -4.48
C GLY D 186 21.26 -12.94 -4.62
N ASP D 187 22.35 -13.17 -5.34
CA ASP D 187 22.81 -14.58 -5.56
C ASP D 187 23.45 -15.15 -4.27
N LYS D 188 23.68 -14.32 -3.22
CA LYS D 188 24.08 -14.73 -1.84
C LYS D 188 22.96 -14.37 -0.85
N LYS D 189 21.78 -14.00 -1.34
CA LYS D 189 20.66 -13.51 -0.49
C LYS D 189 21.13 -12.37 0.43
N ILE D 190 22.03 -11.52 -0.07
CA ILE D 190 22.44 -10.31 0.71
C ILE D 190 21.55 -9.15 0.26
N THR D 191 20.97 -8.42 1.20
CA THR D 191 20.23 -7.17 0.87
C THR D 191 21.20 -6.00 0.84
N VAL D 192 20.87 -4.97 0.07
CA VAL D 192 21.72 -3.77 -0.06
C VAL D 192 20.83 -2.55 -0.02
N ASN D 193 21.10 -1.62 0.89
CA ASN D 193 20.27 -0.41 1.06
C ASN D 193 21.22 0.75 1.39
N ALA D 194 20.72 1.97 1.29
CA ALA D 194 21.46 3.17 1.74
C ALA D 194 20.58 3.88 2.73
N VAL D 195 21.24 4.61 3.62
CA VAL D 195 20.59 5.66 4.44
C VAL D 195 21.12 6.97 3.93
N ALA D 196 20.21 7.92 3.84
CA ALA D 196 20.48 9.29 3.37
C ALA D 196 20.10 10.22 4.51
N PRO D 197 21.04 10.51 5.42
CA PRO D 197 20.74 11.39 6.53
C PRO D 197 20.53 12.82 6.05
N GLY D 198 19.70 13.55 6.79
CA GLY D 198 19.67 15.01 6.76
C GLY D 198 20.75 15.52 7.69
N GLY D 199 20.65 16.77 8.08
CA GLY D 199 21.61 17.40 9.00
C GLY D 199 21.67 16.64 10.32
N THR D 200 22.82 16.07 10.63
CA THR D 200 23.03 15.20 11.80
C THR D 200 24.22 15.78 12.61
N VAL D 201 24.05 15.96 13.90
CA VAL D 201 25.05 16.78 14.66
C VAL D 201 26.26 15.90 14.89
N THR D 202 27.36 16.22 14.21
CA THR D 202 28.65 15.50 14.18
C THR D 202 29.73 16.57 13.93
N ASP D 203 31.00 16.16 13.92
CA ASP D 203 32.14 17.04 13.53
C ASP D 203 31.88 17.61 12.13
N MET D 204 31.36 16.80 11.20
CA MET D 204 31.08 17.23 9.82
C MET D 204 30.06 18.37 9.83
N PHE D 205 28.97 18.22 10.58
CA PHE D 205 27.86 19.18 10.67
C PHE D 205 28.40 20.56 11.07
N HIS D 206 29.21 20.58 12.13
CA HIS D 206 29.75 21.84 12.68
C HIS D 206 30.74 22.45 11.69
N ASP D 207 31.46 21.61 10.95
CA ASP D 207 32.47 22.05 9.96
C ASP D 207 31.77 22.89 8.88
N VAL D 208 30.52 22.56 8.50
CA VAL D 208 29.93 23.15 7.26
C VAL D 208 28.53 23.68 7.50
N SER D 209 28.03 23.80 8.72
CA SER D 209 26.61 24.21 8.89
C SER D 209 26.40 25.63 8.34
N GLN D 210 27.45 26.45 8.29
CA GLN D 210 27.40 27.84 7.75
C GLN D 210 26.97 27.78 6.28
N HIS D 211 27.22 26.67 5.57
CA HIS D 211 26.99 26.56 4.10
C HIS D 211 25.54 26.15 3.83
N TYR D 212 24.83 25.58 4.81
CA TYR D 212 23.43 25.12 4.65
C TYR D 212 22.44 26.22 5.11
N ILE D 213 22.86 27.10 6.02
CA ILE D 213 21.97 28.15 6.59
C ILE D 213 22.10 29.38 5.69
N PRO D 214 20.98 30.00 5.27
CA PRO D 214 21.00 31.18 4.38
C PRO D 214 22.11 32.23 4.62
N ASN D 215 22.29 32.75 5.84
CA ASN D 215 23.33 33.77 6.12
C ASN D 215 24.37 33.19 7.10
N GLY D 216 24.67 31.90 6.95
CA GLY D 216 25.24 31.06 8.00
C GLY D 216 26.51 31.64 8.62
N GLU D 217 27.38 32.25 7.82
CA GLU D 217 28.71 32.75 8.28
C GLU D 217 28.50 33.79 9.40
N THR D 218 27.34 34.46 9.42
CA THR D 218 27.06 35.60 10.33
C THR D 218 26.54 35.12 11.70
N TYR D 219 26.32 33.81 11.88
CA TYR D 219 25.78 33.22 13.13
C TYR D 219 26.88 32.41 13.82
N THR D 220 26.70 32.12 15.10
CA THR D 220 27.63 31.26 15.88
C THR D 220 27.28 29.80 15.57
N PRO D 221 28.21 28.85 15.76
CA PRO D 221 27.94 27.41 15.61
C PRO D 221 26.70 26.91 16.36
N GLU D 222 26.56 27.30 17.63
CA GLU D 222 25.42 26.94 18.52
C GLU D 222 24.13 27.45 17.90
N GLU D 223 24.12 28.68 17.37
CA GLU D 223 22.96 29.31 16.72
C GLU D 223 22.62 28.55 15.45
N ARG D 224 23.62 28.13 14.68
CA ARG D 224 23.38 27.44 13.38
C ARG D 224 22.73 26.09 13.69
N GLN D 225 23.21 25.42 14.73
CA GLN D 225 22.60 24.16 15.24
C GLN D 225 21.11 24.41 15.57
N LYS D 226 20.76 25.50 16.27
CA LYS D 226 19.35 25.79 16.67
C LYS D 226 18.49 26.02 15.43
N MET D 227 19.00 26.78 14.44
CA MET D 227 18.24 27.06 13.19
C MET D 227 18.02 25.76 12.38
N ALA D 228 19.01 24.87 12.34
CA ALA D 228 18.91 23.53 11.70
C ALA D 228 17.84 22.67 12.39
N ALA D 229 17.61 22.83 13.70
CA ALA D 229 16.59 22.11 14.47
C ALA D 229 15.17 22.44 13.98
N HIS D 230 14.94 23.60 13.34
CA HIS D 230 13.61 24.02 12.81
C HIS D 230 13.42 23.50 11.37
N ALA D 231 14.42 22.87 10.78
CA ALA D 231 14.24 22.17 9.47
C ALA D 231 13.10 21.14 9.63
N SER D 232 13.21 20.29 10.65
CA SER D 232 12.23 19.21 10.94
C SER D 232 10.98 19.82 11.55
N PRO D 233 9.78 19.40 11.10
CA PRO D 233 8.52 19.74 11.78
C PRO D 233 8.44 19.18 13.20
N LEU D 234 9.43 18.40 13.62
CA LEU D 234 9.52 17.91 15.01
C LEU D 234 10.35 18.89 15.86
N HIS D 235 10.95 19.91 15.25
CA HIS D 235 11.70 21.00 15.94
C HIS D 235 12.80 20.40 16.83
N ARG D 236 13.60 19.48 16.31
CA ARG D 236 14.89 19.11 16.94
C ARG D 236 15.87 18.78 15.83
N ASN D 237 17.15 18.76 16.19
CA ASN D 237 18.22 18.28 15.29
C ASN D 237 18.09 16.77 15.10
N GLY D 238 18.64 16.28 13.99
CA GLY D 238 19.03 14.87 13.83
C GLY D 238 20.31 14.62 14.60
N PHE D 239 20.39 13.48 15.27
CA PHE D 239 21.58 13.01 16.02
C PHE D 239 22.05 11.67 15.46
N PRO D 240 23.34 11.32 15.63
CA PRO D 240 23.86 10.05 15.14
C PRO D 240 23.00 8.82 15.48
N GLU D 241 22.42 8.76 16.68
CA GLU D 241 21.57 7.62 17.12
C GLU D 241 20.33 7.51 16.20
N ASP D 242 19.78 8.63 15.72
CA ASP D 242 18.60 8.65 14.82
C ASP D 242 18.89 7.83 13.56
N ILE D 243 20.12 7.92 13.05
CA ILE D 243 20.59 7.23 11.83
C ILE D 243 20.88 5.78 12.20
N ALA D 244 21.61 5.58 13.30
CA ALA D 244 22.01 4.23 13.76
C ALA D 244 20.77 3.36 13.92
N ARG D 245 19.65 3.90 14.40
CA ARG D 245 18.42 3.12 14.68
C ARG D 245 17.88 2.57 13.37
N VAL D 246 17.91 3.37 12.32
CA VAL D 246 17.41 2.92 10.99
C VAL D 246 18.36 1.85 10.44
N VAL D 247 19.65 2.07 10.57
CA VAL D 247 20.65 1.06 10.11
C VAL D 247 20.38 -0.26 10.86
N GLY D 248 20.08 -0.19 12.18
CA GLY D 248 19.85 -1.38 13.00
C GLY D 248 18.65 -2.16 12.48
N PHE D 249 17.61 -1.44 12.10
CA PHE D 249 16.41 -2.12 11.52
C PHE D 249 16.75 -2.78 10.17
N LEU D 250 17.39 -2.04 9.26
CA LEU D 250 17.70 -2.61 7.94
C LEU D 250 18.59 -3.87 8.03
N VAL D 251 19.54 -3.92 8.96
CA VAL D 251 20.53 -5.05 9.01
C VAL D 251 20.00 -6.22 9.87
N SER D 252 18.84 -6.06 10.50
CA SER D 252 18.12 -7.13 11.26
C SER D 252 17.48 -8.13 10.30
N ALA D 253 17.10 -9.33 10.78
CA ALA D 253 16.40 -10.34 9.95
C ALA D 253 15.10 -9.69 9.43
N GLU D 254 14.46 -8.90 10.29
CA GLU D 254 13.11 -8.32 10.05
C GLU D 254 13.17 -7.26 8.93
N GLY D 255 14.33 -6.67 8.66
CA GLY D 255 14.44 -5.61 7.64
C GLY D 255 14.58 -6.19 6.24
N GLU D 256 14.57 -7.52 6.08
CA GLU D 256 14.93 -8.19 4.82
C GLU D 256 14.12 -7.64 3.63
N TRP D 257 12.84 -7.31 3.80
CA TRP D 257 11.97 -6.99 2.64
C TRP D 257 12.17 -5.53 2.22
N ILE D 258 12.99 -4.76 2.94
CA ILE D 258 13.55 -3.50 2.41
C ILE D 258 14.89 -3.85 1.75
N ASN D 259 14.92 -3.79 0.42
CA ASN D 259 16.07 -4.22 -0.40
C ASN D 259 16.19 -3.32 -1.62
N GLY D 260 17.39 -2.81 -1.87
CA GLY D 260 17.69 -1.91 -2.98
C GLY D 260 17.12 -0.52 -2.79
N LYS D 261 16.88 -0.08 -1.57
CA LYS D 261 16.18 1.21 -1.32
C LYS D 261 17.15 2.22 -0.69
N VAL D 262 16.85 3.50 -0.84
CA VAL D 262 17.60 4.57 -0.13
C VAL D 262 16.62 5.18 0.85
N LEU D 263 16.84 5.05 2.14
CA LEU D 263 15.91 5.67 3.11
C LEU D 263 16.44 7.04 3.51
N THR D 264 15.66 8.06 3.33
CA THR D 264 16.02 9.42 3.74
C THR D 264 15.64 9.56 5.22
N VAL D 265 16.61 9.88 6.06
CA VAL D 265 16.44 9.89 7.52
C VAL D 265 16.78 11.30 8.01
N ASP D 266 15.80 12.19 7.95
CA ASP D 266 15.97 13.64 8.20
C ASP D 266 14.88 14.24 9.07
N GLY D 267 14.06 13.43 9.77
CA GLY D 267 12.96 13.92 10.61
C GLY D 267 11.90 14.66 9.82
N GLY D 268 11.80 14.48 8.51
CA GLY D 268 10.83 15.20 7.68
C GLY D 268 11.26 16.62 7.29
N ALA D 269 12.55 16.91 7.32
CA ALA D 269 13.12 18.24 6.98
C ALA D 269 12.51 18.88 5.72
N ALA D 270 12.33 20.20 5.82
CA ALA D 270 12.01 21.20 4.78
C ALA D 270 13.23 22.14 4.58
C1 EMO E . -28.29 -17.30 9.12
O1 EMO E . -27.35 -16.28 8.75
C2 EMO E . -28.53 -18.33 8.22
C3 EMO E . -29.44 -19.35 8.58
O3 EMO E . -29.68 -20.42 7.73
C4 EMO E . -30.12 -19.37 9.80
C5 EMO E . -29.88 -18.32 10.69
C6 EMO E . -30.62 -18.31 12.04
O6 EMO E . -31.38 -19.18 12.34
C7 EMO E . -30.39 -17.14 13.02
C8 EMO E . -31.07 -17.12 14.26
C9 EMO E . -30.86 -16.09 15.17
C10 EMO E . -31.63 -16.11 16.50
C16 EMO E . -29.96 -15.03 14.87
C17 EMO E . -29.26 -15.03 13.62
O17 EMO E . -28.36 -13.97 13.30
C18 EMO E . -29.49 -16.11 12.71
C19 EMO E . -28.70 -16.14 11.36
O19 EMO E . -27.93 -15.25 11.08
C20 EMO E . -28.97 -17.30 10.36
PA NAP F . -20.12 -18.03 5.60
O1A NAP F . -19.42 -17.77 6.78
O2A NAP F . -20.64 -16.93 4.91
O5B NAP F . -19.22 -18.92 4.74
C5B NAP F . -19.61 -19.12 3.42
C4B NAP F . -18.77 -20.20 2.80
O4B NAP F . -19.27 -20.51 1.55
C3B NAP F . -17.32 -19.77 2.62
O3B NAP F . -16.45 -20.82 2.91
C2B NAP F . -17.27 -19.49 1.13
O2B NAP F . -15.98 -19.54 0.58
C1B NAP F . -18.27 -20.52 0.60
N9A NAP F . -18.69 -20.12 -0.77
C8A NAP F . -19.32 -19.03 -1.12
N7A NAP F . -19.52 -18.94 -2.44
C5A NAP F . -18.98 -20.01 -2.96
C6A NAP F . -18.79 -20.58 -4.28
N6A NAP F . -19.25 -19.91 -5.32
N1A NAP F . -18.18 -21.73 -4.39
C2A NAP F . -17.73 -22.37 -3.35
N3A NAP F . -17.85 -21.94 -2.12
C4A NAP F . -18.43 -20.80 -1.84
O3 NAP F . -21.32 -18.93 5.97
PN NAP F . -21.48 -20.05 7.06
O1N NAP F . -20.27 -20.65 7.33
O2N NAP F . -22.15 -19.48 8.14
O5D NAP F . -22.46 -21.02 6.30
C5D NAP F . -22.17 -22.31 5.87
C4D NAP F . -23.49 -23.02 5.52
O4D NAP F . -24.34 -23.08 6.62
C3D NAP F . -24.24 -22.32 4.41
O3D NAP F . -24.81 -23.29 3.57
C2D NAP F . -25.37 -21.60 5.15
O2D NAP F . -26.55 -21.37 4.41
C1D NAP F . -25.59 -22.54 6.31
N1N NAP F . -26.20 -21.99 7.51
C2N NAP F . -25.57 -21.09 8.24
C3N NAP F . -26.16 -20.58 9.36
C7N NAP F . -25.49 -19.56 10.26
O7N NAP F . -24.34 -19.33 10.18
N7N NAP F . -26.17 -19.04 11.21
C4N NAP F . -27.40 -21.03 9.73
C5N NAP F . -28.03 -21.97 8.96
C6N NAP F . -27.38 -22.44 7.85
P2B NAP F . -15.21 -18.32 -0.09
O1X NAP F . -14.07 -18.93 -0.56
O2X NAP F . -16.05 -17.91 -1.12
O3X NAP F . -14.99 -17.30 0.86
C1 GOL G . -20.80 -13.96 4.62
O1 GOL G . -19.47 -14.47 4.56
C2 GOL G . -20.97 -12.77 3.71
O2 GOL G . -20.11 -11.75 4.17
C3 GOL G . -22.40 -12.26 3.59
O3 GOL G . -23.33 -12.98 4.42
C1 GOL H . -18.10 -38.14 16.11
O1 GOL H . -17.13 -38.95 15.46
C2 GOL H . -17.53 -36.88 16.71
O2 GOL H . -17.91 -35.72 15.96
C3 GOL H . -18.00 -36.64 18.12
O3 GOL H . -17.55 -35.40 18.63
C1 EMO I . -1.60 -6.08 -5.54
O1 EMO I . -2.74 -6.91 -5.44
C2 EMO I . -1.74 -4.80 -5.06
C3 EMO I . -0.63 -3.92 -5.12
O3 EMO I . -0.78 -2.61 -4.61
C4 EMO I . 0.60 -4.28 -5.71
C5 EMO I . 0.73 -5.56 -6.22
C6 EMO I . 2.06 -5.99 -6.90
O6 EMO I . 3.04 -5.24 -6.99
C7 EMO I . 2.12 -7.42 -7.46
C8 EMO I . 3.29 -7.89 -8.07
C9 EMO I . 3.33 -9.17 -8.58
C10 EMO I . 4.62 -9.64 -9.26
C16 EMO I . 2.23 -10.03 -8.50
C17 EMO I . 1.06 -9.59 -7.87
O17 EMO I . -0.10 -10.41 -7.77
C18 EMO I . 1.02 -8.29 -7.36
C19 EMO I . -0.30 -7.88 -6.70
O19 EMO I . -1.25 -8.66 -6.64
C20 EMO I . -0.38 -6.46 -6.12
PA NAP J . -7.04 -7.73 1.25
O1A NAP J . -6.53 -8.92 1.65
O2A NAP J . -7.98 -7.61 0.20
O5B NAP J . -7.63 -7.10 2.52
C5B NAP J . -8.45 -6.00 2.37
C4B NAP J . -8.73 -5.34 3.72
O4B NAP J . -9.39 -4.11 3.54
C3B NAP J . -9.60 -6.21 4.61
O3B NAP J . -9.10 -6.18 5.91
C2B NAP J . -10.93 -5.48 4.54
O2B NAP J . -11.80 -5.72 5.60
C1B NAP J . -10.48 -4.04 4.38
N9A NAP J . -11.60 -3.25 3.89
C8A NAP J . -12.17 -3.42 2.72
N7A NAP J . -13.18 -2.59 2.57
C5A NAP J . -13.26 -1.87 3.68
C6A NAP J . -14.12 -0.81 4.15
N6A NAP J . -15.10 -0.37 3.35
N1A NAP J . -13.85 -0.31 5.35
C2A NAP J . -12.88 -0.76 6.10
N3A NAP J . -12.06 -1.73 5.73
C4A NAP J . -12.18 -2.30 4.55
O3 NAP J . -5.85 -6.75 0.88
PN NAP J . -4.40 -6.66 1.42
O1N NAP J . -3.61 -7.40 0.58
O2N NAP J . -4.33 -7.02 2.74
O5D NAP J . -4.04 -5.13 1.26
C5D NAP J . -3.99 -4.22 2.30
C4D NAP J . -3.44 -2.87 1.82
O4D NAP J . -2.21 -3.03 1.16
C3D NAP J . -4.37 -2.22 0.79
O3D NAP J . -4.44 -0.83 0.98
C2D NAP J . -3.76 -2.60 -0.55
O2D NAP J . -4.09 -1.67 -1.53
C1D NAP J . -2.27 -2.60 -0.17
N1N NAP J . -1.37 -3.33 -1.01
C2N NAP J . -1.42 -4.66 -1.13
C3N NAP J . -0.55 -5.34 -1.96
C7N NAP J . -0.57 -6.84 -2.11
O7N NAP J . 0.13 -7.35 -2.89
N7N NAP J . -1.31 -7.57 -1.37
C4N NAP J . 0.41 -4.61 -2.64
C5N NAP J . 0.45 -3.25 -2.48
C6N NAP J . -0.46 -2.66 -1.64
P2B NAP J . -13.22 -6.42 5.45
O1X NAP J . -13.68 -6.38 6.80
O2X NAP J . -13.00 -7.71 4.97
O3X NAP J . -13.89 -5.65 4.49
C1 GOL K . 7.82 -10.92 14.40
O1 GOL K . 8.86 -10.55 13.49
C2 GOL K . 6.78 -11.85 13.81
O2 GOL K . 7.41 -12.91 13.10
C3 GOL K . 5.77 -11.18 12.89
O3 GOL K . 4.66 -10.61 13.60
C1 EMO L . -0.41 27.56 -7.13
O1 EMO L . -1.41 28.53 -7.06
C2 EMO L . -0.77 26.29 -7.59
C3 EMO L . 0.23 25.31 -7.65
O3 EMO L . -0.08 24.01 -8.12
C4 EMO L . 1.54 25.58 -7.27
C5 EMO L . 1.89 26.86 -6.81
C6 EMO L . 3.33 27.14 -6.35
O6 EMO L . 4.19 26.29 -6.43
C7 EMO L . 3.63 28.57 -5.81
C8 EMO L . 4.92 28.90 -5.38
C9 EMO L . 5.19 30.18 -4.88
C10 EMO L . 6.61 30.56 -4.42
C16 EMO L . 4.17 31.15 -4.83
C17 EMO L . 2.88 30.82 -5.27
O17 EMO L . 1.83 31.77 -5.24
C18 EMO L . 2.61 29.54 -5.77
C19 EMO L . 1.18 29.27 -6.23
O19 EMO L . 0.31 30.13 -6.17
C20 EMO L . 0.88 27.84 -6.75
PA NAP M . -6.79 29.78 -12.75
O1A NAP M . -7.48 29.70 -11.43
O2A NAP M . -6.05 31.03 -13.02
O5B NAP M . -7.67 29.29 -13.95
C5B NAP M . -8.45 28.14 -13.72
C4B NAP M . -8.97 27.60 -15.03
O4B NAP M . -9.63 26.50 -14.72
C3B NAP M . -9.99 28.62 -15.63
O3B NAP M . -9.79 28.73 -16.97
C2B NAP M . -11.34 27.93 -15.24
O2B NAP M . -12.30 28.25 -16.29
C1B NAP M . -11.07 26.58 -15.29
N9A NAP M . -12.02 25.87 -14.46
C8A NAP M . -12.35 25.96 -13.19
N7A NAP M . -13.36 25.12 -12.93
C5A NAP M . -13.64 24.50 -14.09
C6A NAP M . -14.61 23.58 -14.33
N6A NAP M . -15.55 23.05 -13.38
N1A NAP M . -14.76 23.02 -15.49
C2A NAP M . -13.91 23.48 -16.47
N3A NAP M . -12.93 24.42 -16.26
C4A NAP M . -12.81 24.95 -15.03
O3 NAP M . -5.64 28.54 -12.60
PN NAP M . -4.21 28.48 -13.36
O1N NAP M . -3.16 29.16 -12.51
O2N NAP M . -4.38 28.79 -14.81
O5D NAP M . -4.05 26.84 -13.22
C5D NAP M . -4.24 26.00 -14.34
C4D NAP M . -3.71 24.58 -13.90
O4D NAP M . -2.42 24.69 -13.53
C3D NAP M . -4.52 24.00 -12.68
O3D NAP M . -4.80 22.61 -12.90
C2D NAP M . -3.59 24.41 -11.55
O2D NAP M . -3.87 23.43 -10.47
C1D NAP M . -2.32 24.17 -12.07
N1N NAP M . -1.17 24.79 -11.49
C2N NAP M . -1.06 26.16 -11.33
C3N NAP M . 0.02 26.70 -10.76
C7N NAP M . 0.15 28.19 -10.55
O7N NAP M . 1.03 28.60 -9.88
N7N NAP M . -0.72 29.09 -11.21
C4N NAP M . 1.05 25.92 -10.29
C5N NAP M . 1.00 24.58 -10.48
C6N NAP M . -0.13 24.02 -11.11
P2B NAP M . -13.62 29.16 -15.82
O1X NAP M . -13.14 30.48 -15.37
O2X NAP M . -14.31 28.41 -14.70
O3X NAP M . -14.42 29.15 -17.09
C1 EMO N . 26.28 17.53 6.08
O1 EMO N . 27.41 17.94 6.79
C2 EMO N . 26.40 16.44 5.17
C3 EMO N . 25.24 16.03 4.50
O3 EMO N . 25.32 14.97 3.60
C4 EMO N . 24.02 16.66 4.68
C5 EMO N . 23.92 17.75 5.56
C6 EMO N . 22.58 18.46 5.72
O6 EMO N . 21.57 18.13 5.11
C7 EMO N . 22.59 19.66 6.67
C8 EMO N . 21.36 20.34 6.84
C9 EMO N . 21.29 21.43 7.70
C10 EMO N . 19.93 22.14 7.88
C16 EMO N . 22.44 21.82 8.40
C17 EMO N . 23.65 21.16 8.25
O17 EMO N . 24.77 21.58 9.00
C18 EMO N . 23.75 20.07 7.38
C19 EMO N . 25.08 19.34 7.25
O19 EMO N . 26.10 19.65 7.82
C20 EMO N . 25.07 18.17 6.25
PA NAP O . 32.40 12.89 10.34
O1A NAP O . 31.98 13.26 11.61
O2A NAP O . 33.17 13.79 9.58
O5B NAP O . 33.14 11.56 10.38
C5B NAP O . 33.83 11.10 9.27
C4B NAP O . 34.22 9.66 9.47
O4B NAP O . 34.73 9.10 8.29
C3B NAP O . 35.29 9.50 10.55
O3B NAP O . 34.96 8.38 11.30
C2B NAP O . 36.53 9.21 9.74
O2B NAP O . 37.50 8.46 10.40
C1B NAP O . 35.96 8.48 8.51
N9A NAP O . 36.92 8.59 7.42
C8A NAP O . 37.34 9.70 6.88
N7A NAP O . 38.26 9.48 5.96
C5A NAP O . 38.45 8.21 5.91
C6A NAP O . 39.28 7.30 5.12
N6A NAP O . 40.12 7.81 4.23
N1A NAP O . 39.18 6.01 5.38
C2A NAP O . 38.36 5.54 6.28
N3A NAP O . 37.58 6.32 6.99
C4A NAP O . 37.57 7.61 6.87
O3 NAP O . 31.17 12.57 9.41
PN NAP O . 29.71 12.18 9.79
O1N NAP O . 28.90 13.25 10.03
O2N NAP O . 29.77 11.13 10.73
O5D NAP O . 29.25 11.53 8.41
C5D NAP O . 29.29 10.15 8.16
C4D NAP O . 28.60 9.75 6.83
O4D NAP O . 27.36 10.38 6.73
C3D NAP O . 29.39 10.32 5.68
O3D NAP O . 29.44 9.45 4.59
C2D NAP O . 28.70 11.62 5.36
O2D NAP O . 28.89 12.02 4.02
C1D NAP O . 27.28 11.24 5.67
N1N NAP O . 26.34 12.30 5.95
C2N NAP O . 26.47 13.07 7.01
C3N NAP O . 25.56 14.09 7.25
C7N NAP O . 25.64 15.00 8.45
O7N NAP O . 24.88 15.86 8.57
N7N NAP O . 26.52 14.76 9.41
C4N NAP O . 24.47 14.22 6.41
C5N NAP O . 24.33 13.37 5.34
C6N NAP O . 25.32 12.42 5.15
P2B NAP O . 38.89 9.06 10.85
O1X NAP O . 39.50 9.49 9.65
O2X NAP O . 38.62 10.15 11.70
O3X NAP O . 39.59 7.96 11.44
C1 GOL P . 44.92 12.17 17.33
O1 GOL P . 44.91 12.74 18.64
C2 GOL P . 43.95 11.01 17.19
O2 GOL P . 44.41 9.86 17.91
C3 GOL P . 42.52 11.29 17.59
O3 GOL P . 41.76 10.10 17.45
#